data_5V64
# 
_entry.id   5V64 
# 
_audit_conform.dict_name       mmcif_pdbx.dic 
_audit_conform.dict_version    5.403 
_audit_conform.dict_location   http://mmcif.pdb.org/dictionaries/ascii/mmcif_pdbx.dic 
# 
loop_
_database_2.database_id 
_database_2.database_code 
_database_2.pdbx_database_accession 
_database_2.pdbx_DOI 
PDB   5V64         pdb_00005v64 10.2210/pdb5v64/pdb 
WWPDB D_1000226936 ?            ?                   
# 
loop_
_pdbx_audit_revision_history.ordinal 
_pdbx_audit_revision_history.data_content_type 
_pdbx_audit_revision_history.major_revision 
_pdbx_audit_revision_history.minor_revision 
_pdbx_audit_revision_history.revision_date 
_pdbx_audit_revision_history.part_number 
1 'Structure model' 1 0 2017-06-28 ? 
2 'Structure model' 1 1 2017-07-05 ? 
3 'Structure model' 1 2 2017-07-26 ? 
4 'Structure model' 1 3 2020-01-01 ? 
5 'Structure model' 1 4 2025-04-02 ? 
# 
_pdbx_audit_revision_details.ordinal             1 
_pdbx_audit_revision_details.revision_ordinal    1 
_pdbx_audit_revision_details.data_content_type   'Structure model' 
_pdbx_audit_revision_details.provider            repository 
_pdbx_audit_revision_details.type                'Initial release' 
_pdbx_audit_revision_details.description         ? 
_pdbx_audit_revision_details.details             ? 
# 
loop_
_pdbx_audit_revision_group.ordinal 
_pdbx_audit_revision_group.revision_ordinal 
_pdbx_audit_revision_group.data_content_type 
_pdbx_audit_revision_group.group 
1 2 'Structure model' 'Database references'        
2 3 'Structure model' Advisory                     
3 3 'Structure model' 'Author supporting evidence' 
4 3 'Structure model' 'Database references'        
5 4 'Structure model' 'Author supporting evidence' 
6 5 'Structure model' 'Data collection'            
7 5 'Structure model' 'Database references'        
8 5 'Structure model' 'Derived calculations'       
9 5 'Structure model' 'Structure summary'          
# 
loop_
_pdbx_audit_revision_category.ordinal 
_pdbx_audit_revision_category.revision_ordinal 
_pdbx_audit_revision_category.data_content_type 
_pdbx_audit_revision_category.category 
1  2 'Structure model' citation                      
2  2 'Structure model' citation_author               
3  3 'Structure model' citation                      
4  3 'Structure model' citation_author               
5  3 'Structure model' pdbx_audit_support            
6  3 'Structure model' pdbx_validate_polymer_linkage 
7  4 'Structure model' pdbx_audit_support            
8  5 'Structure model' chem_comp_atom                
9  5 'Structure model' chem_comp_bond                
10 5 'Structure model' database_2                    
11 5 'Structure model' pdbx_entry_details            
12 5 'Structure model' pdbx_modification_feature     
13 5 'Structure model' pdbx_struct_conn_angle        
14 5 'Structure model' struct_conn                   
# 
loop_
_pdbx_audit_revision_item.ordinal 
_pdbx_audit_revision_item.revision_ordinal 
_pdbx_audit_revision_item.data_content_type 
_pdbx_audit_revision_item.item 
1  2 'Structure model' '_citation.country'                            
2  2 'Structure model' '_citation.journal_abbrev'                     
3  2 'Structure model' '_citation.journal_id_ISSN'                    
4  2 'Structure model' '_citation.pdbx_database_id_DOI'               
5  2 'Structure model' '_citation.title'                              
6  2 'Structure model' '_citation.year'                               
7  3 'Structure model' '_citation.country'                            
8  3 'Structure model' '_citation.journal_abbrev'                     
9  3 'Structure model' '_citation.journal_id_ISSN'                    
10 3 'Structure model' '_citation.journal_volume'                     
11 3 'Structure model' '_citation.page_first'                         
12 3 'Structure model' '_citation.page_last'                          
13 3 'Structure model' '_citation.pdbx_database_id_DOI'               
14 3 'Structure model' '_citation.pdbx_database_id_PubMed'            
15 3 'Structure model' '_citation.title'                              
16 3 'Structure model' '_citation.year'                               
17 3 'Structure model' '_pdbx_audit_support.funding_organization'     
18 4 'Structure model' '_pdbx_audit_support.funding_organization'     
19 5 'Structure model' '_database_2.pdbx_DOI'                         
20 5 'Structure model' '_database_2.pdbx_database_accession'          
21 5 'Structure model' '_pdbx_entry_details.has_protein_modification' 
22 5 'Structure model' '_pdbx_struct_conn_angle.ptnr1_label_atom_id'  
23 5 'Structure model' '_pdbx_struct_conn_angle.ptnr2_auth_seq_id'    
24 5 'Structure model' '_pdbx_struct_conn_angle.ptnr2_label_asym_id'  
25 5 'Structure model' '_pdbx_struct_conn_angle.ptnr3_auth_comp_id'   
26 5 'Structure model' '_pdbx_struct_conn_angle.ptnr3_auth_seq_id'    
27 5 'Structure model' '_pdbx_struct_conn_angle.ptnr3_label_asym_id'  
28 5 'Structure model' '_pdbx_struct_conn_angle.ptnr3_label_atom_id'  
29 5 'Structure model' '_pdbx_struct_conn_angle.ptnr3_label_comp_id'  
30 5 'Structure model' '_pdbx_struct_conn_angle.ptnr3_symmetry'       
31 5 'Structure model' '_pdbx_struct_conn_angle.value'                
32 5 'Structure model' '_struct_conn.pdbx_dist_value'                 
33 5 'Structure model' '_struct_conn.ptnr1_label_atom_id'             
34 5 'Structure model' '_struct_conn.ptnr2_auth_comp_id'              
35 5 'Structure model' '_struct_conn.ptnr2_auth_seq_id'               
36 5 'Structure model' '_struct_conn.ptnr2_label_asym_id'             
37 5 'Structure model' '_struct_conn.ptnr2_label_atom_id'             
38 5 'Structure model' '_struct_conn.ptnr2_label_comp_id'             
39 5 'Structure model' '_struct_conn.ptnr2_label_seq_id'              
40 5 'Structure model' '_struct_conn.ptnr2_symmetry'                  
# 
_pdbx_database_status.status_code                     REL 
_pdbx_database_status.status_code_sf                  REL 
_pdbx_database_status.status_code_mr                  ? 
_pdbx_database_status.entry_id                        5V64 
_pdbx_database_status.recvd_initial_deposition_date   2017-03-15 
_pdbx_database_status.SG_entry                        N 
_pdbx_database_status.deposit_site                    RCSB 
_pdbx_database_status.process_site                    RCSB 
_pdbx_database_status.status_code_cs                  ? 
_pdbx_database_status.methods_development_category    ? 
_pdbx_database_status.pdb_format_compatible           Y 
_pdbx_database_status.status_code_nmr_data            ? 
# 
loop_
_pdbx_database_related.content_type 
_pdbx_database_related.db_id 
_pdbx_database_related.db_name 
_pdbx_database_related.details 
unspecified 5V65 PDB . 
unspecified 5V63 PDB . 
# 
loop_
_audit_author.name 
_audit_author.pdbx_ordinal 
_audit_author.identifier_ORCID 
'Salveson, P.J.' 1 ? 
'Spencer, R.K.'  2 ? 
'Nowick, J.S.'   3 ? 
# 
_citation.abstract                  ? 
_citation.abstract_id_CAS           ? 
_citation.book_id_ISBN              ? 
_citation.book_publisher            ? 
_citation.book_publisher_city       ? 
_citation.book_title                ? 
_citation.coordinate_linkage        ? 
_citation.country                   US 
_citation.database_id_Medline       ? 
_citation.details                   ? 
_citation.id                        primary 
_citation.journal_abbrev            'Org. Lett.' 
_citation.journal_id_ASTM           ? 
_citation.journal_id_CSD            ? 
_citation.journal_id_ISSN           1523-7052 
_citation.journal_full              ? 
_citation.journal_issue             ? 
_citation.journal_volume            19 
_citation.language                  ? 
_citation.page_first                3462 
_citation.page_last                 3465 
_citation.title                     
'X-ray Crystallographic Structure of a Compact Dodecamer from a Peptide Derived from A beta 16-36.' 
_citation.year                      2017 
_citation.database_id_CSD           ? 
_citation.pdbx_database_id_DOI      10.1021/acs.orglett.7b01445 
_citation.pdbx_database_id_PubMed   28683555 
_citation.unpublished_flag          ? 
# 
loop_
_citation_author.citation_id 
_citation_author.name 
_citation_author.ordinal 
_citation_author.identifier_ORCID 
primary 'Salveson, P.J.' 1 ? 
primary 'Spencer, R.K.'  2 ? 
primary 'Kreutzer, A.G.' 3 ? 
primary 'Nowick, J.S.'   4 ? 
# 
loop_
_entity.id 
_entity.type 
_entity.src_method 
_entity.pdbx_description 
_entity.formula_weight 
_entity.pdbx_number_of_molecules 
_entity.pdbx_ec 
_entity.pdbx_mutation 
_entity.pdbx_fragment 
_entity.details 
1 polymer     syn ORN-GLN-LYS-LEU-VAL-PHI-PHE-ALA-ORN-ALA-ILE-ILE-SAR-LEU-MET-VAL 1919.182 1 ? ? ? ? 
2 non-polymer syn 'CITRATE ANION'                                                 189.100  1 ? ? ? ? 
3 non-polymer syn 'SODIUM ION'                                                    22.990   2 ? ? ? ? 
4 water       nat water                                                           18.015   9 ? ? ? ? 
# 
_entity_poly.entity_id                      1 
_entity_poly.type                           'polypeptide(L)' 
_entity_poly.nstd_linkage                   no 
_entity_poly.nstd_monomer                   yes 
_entity_poly.pdbx_seq_one_letter_code       '(ORN)QKLV(PHI)FA(ORN)AII(SAR)LMV' 
_entity_poly.pdbx_seq_one_letter_code_can   AQKLVFFAAAIIGLMV 
_entity_poly.pdbx_strand_id                 A 
_entity_poly.pdbx_target_identifier         ? 
# 
loop_
_pdbx_entity_nonpoly.entity_id 
_pdbx_entity_nonpoly.name 
_pdbx_entity_nonpoly.comp_id 
2 'CITRATE ANION' FLC 
3 'SODIUM ION'    NA  
4 water           HOH 
# 
loop_
_entity_poly_seq.entity_id 
_entity_poly_seq.num 
_entity_poly_seq.mon_id 
_entity_poly_seq.hetero 
1 1  ORN n 
1 2  GLN n 
1 3  LYS n 
1 4  LEU n 
1 5  VAL n 
1 6  PHI n 
1 7  PHE n 
1 8  ALA n 
1 9  ORN n 
1 10 ALA n 
1 11 ILE n 
1 12 ILE n 
1 13 SAR n 
1 14 LEU n 
1 15 MET n 
1 16 VAL n 
# 
_pdbx_entity_src_syn.entity_id              1 
_pdbx_entity_src_syn.pdbx_src_id            1 
_pdbx_entity_src_syn.pdbx_alt_source_flag   sample 
_pdbx_entity_src_syn.pdbx_beg_seq_num       1 
_pdbx_entity_src_syn.pdbx_end_seq_num       16 
_pdbx_entity_src_syn.organism_scientific    'synthetic construct' 
_pdbx_entity_src_syn.organism_common_name   ? 
_pdbx_entity_src_syn.ncbi_taxonomy_id       32630 
_pdbx_entity_src_syn.details                ? 
# 
loop_
_chem_comp.id 
_chem_comp.type 
_chem_comp.mon_nstd_flag 
_chem_comp.name 
_chem_comp.pdbx_synonyms 
_chem_comp.formula 
_chem_comp.formula_weight 
ALA 'L-peptide linking' y ALANINE            ? 'C3 H7 N O2'     89.093  
FLC non-polymer         . 'CITRATE ANION'    ? 'C6 H5 O7 -3'    189.100 
GLN 'L-peptide linking' y GLUTAMINE          ? 'C5 H10 N2 O3'   146.144 
HOH non-polymer         . WATER              ? 'H2 O'           18.015  
ILE 'L-peptide linking' y ISOLEUCINE         ? 'C6 H13 N O2'    131.173 
LEU 'L-peptide linking' y LEUCINE            ? 'C6 H13 N O2'    131.173 
LYS 'L-peptide linking' y LYSINE             ? 'C6 H15 N2 O2 1' 147.195 
MET 'L-peptide linking' y METHIONINE         ? 'C5 H11 N O2 S'  149.211 
NA  non-polymer         . 'SODIUM ION'       ? 'Na 1'           22.990  
ORN 'L-peptide linking' n L-ornithine        ? 'C5 H12 N2 O2'   132.161 
PHE 'L-peptide linking' y PHENYLALANINE      ? 'C9 H11 N O2'    165.189 
PHI 'L-peptide linking' n IODO-PHENYLALANINE ? 'C9 H10 I N O2'  291.086 
SAR 'peptide linking'   n SARCOSINE          ? 'C3 H7 N O2'     89.093  
VAL 'L-peptide linking' y VALINE             ? 'C5 H11 N O2'    117.146 
# 
loop_
_pdbx_poly_seq_scheme.asym_id 
_pdbx_poly_seq_scheme.entity_id 
_pdbx_poly_seq_scheme.seq_id 
_pdbx_poly_seq_scheme.mon_id 
_pdbx_poly_seq_scheme.ndb_seq_num 
_pdbx_poly_seq_scheme.pdb_seq_num 
_pdbx_poly_seq_scheme.auth_seq_num 
_pdbx_poly_seq_scheme.pdb_mon_id 
_pdbx_poly_seq_scheme.auth_mon_id 
_pdbx_poly_seq_scheme.pdb_strand_id 
_pdbx_poly_seq_scheme.pdb_ins_code 
_pdbx_poly_seq_scheme.hetero 
A 1 1  ORN 1  1  1  ORN ORN A . n 
A 1 2  GLN 2  2  2  GLN GLN A . n 
A 1 3  LYS 3  3  3  LYS LYS A . n 
A 1 4  LEU 4  4  4  LEU LEU A . n 
A 1 5  VAL 5  5  5  VAL VAL A . n 
A 1 6  PHI 6  6  6  PHI PHI A . n 
A 1 7  PHE 7  7  7  PHE PHE A . n 
A 1 8  ALA 8  8  8  ALA ALA A . n 
A 1 9  ORN 9  9  9  ORN ORN A . n 
A 1 10 ALA 10 10 10 ALA ALA A . n 
A 1 11 ILE 11 11 11 ILE ILE A . n 
A 1 12 ILE 12 12 12 ILE ILE A . n 
A 1 13 SAR 13 13 13 SAR SAR A . n 
A 1 14 LEU 14 14 14 LEU LEU A . n 
A 1 15 MET 15 15 15 MET MET A . n 
A 1 16 VAL 16 16 16 VAL VAL A . n 
# 
loop_
_pdbx_nonpoly_scheme.asym_id 
_pdbx_nonpoly_scheme.entity_id 
_pdbx_nonpoly_scheme.mon_id 
_pdbx_nonpoly_scheme.ndb_seq_num 
_pdbx_nonpoly_scheme.pdb_seq_num 
_pdbx_nonpoly_scheme.auth_seq_num 
_pdbx_nonpoly_scheme.pdb_mon_id 
_pdbx_nonpoly_scheme.auth_mon_id 
_pdbx_nonpoly_scheme.pdb_strand_id 
_pdbx_nonpoly_scheme.pdb_ins_code 
B 2 FLC 1 101 1 FLC FLC A . 
C 3 NA  1 102 1 NA  NA  A . 
D 3 NA  1 103 2 NA  NA  A . 
E 4 HOH 1 201 3 HOH HOH A . 
E 4 HOH 2 202 2 HOH HOH A . 
E 4 HOH 3 203 7 HOH HOH A . 
E 4 HOH 4 204 1 HOH HOH A . 
E 4 HOH 5 205 4 HOH HOH A . 
E 4 HOH 6 206 8 HOH HOH A . 
E 4 HOH 7 207 9 HOH HOH A . 
E 4 HOH 8 208 5 HOH HOH A . 
E 4 HOH 9 209 6 HOH HOH A . 
# 
loop_
_software.citation_id 
_software.classification 
_software.compiler_name 
_software.compiler_version 
_software.contact_author 
_software.contact_author_email 
_software.date 
_software.description 
_software.dependencies 
_software.hardware 
_software.language 
_software.location 
_software.mods 
_software.name 
_software.os 
_software.os_version 
_software.type 
_software.version 
_software.pdbx_ordinal 
? refinement       ? ? ? ? ? ? ? ? ? ? ? PHENIX  ? ? ? 1.9_1692 1 
? 'data reduction' ? ? ? ? ? ? ? ? ? ? ? XDS     ? ? ? .        2 
? 'data scaling'   ? ? ? ? ? ? ? ? ? ? ? Aimless ? ? ? .        3 
? phasing          ? ? ? ? ? ? ? ? ? ? ? PHASER  ? ? ? .        4 
# 
_cell.angle_alpha                  90.00 
_cell.angle_alpha_esd              ? 
_cell.angle_beta                   90.00 
_cell.angle_beta_esd               ? 
_cell.angle_gamma                  90.00 
_cell.angle_gamma_esd              ? 
_cell.entry_id                     5V64 
_cell.details                      ? 
_cell.formula_units_Z              ? 
_cell.length_a                     20.346 
_cell.length_a_esd                 ? 
_cell.length_b                     22.029 
_cell.length_b_esd                 ? 
_cell.length_c                     31.598 
_cell.length_c_esd                 ? 
_cell.volume                       ? 
_cell.volume_esd                   ? 
_cell.Z_PDB                        4 
_cell.reciprocal_angle_alpha       ? 
_cell.reciprocal_angle_beta        ? 
_cell.reciprocal_angle_gamma       ? 
_cell.reciprocal_angle_alpha_esd   ? 
_cell.reciprocal_angle_beta_esd    ? 
_cell.reciprocal_angle_gamma_esd   ? 
_cell.reciprocal_length_a          ? 
_cell.reciprocal_length_b          ? 
_cell.reciprocal_length_c          ? 
_cell.reciprocal_length_a_esd      ? 
_cell.reciprocal_length_b_esd      ? 
_cell.reciprocal_length_c_esd      ? 
_cell.pdbx_unique_axis             ? 
# 
_symmetry.entry_id                         5V64 
_symmetry.cell_setting                     ? 
_symmetry.Int_Tables_number                18 
_symmetry.space_group_name_Hall            ? 
_symmetry.space_group_name_H-M             'P 21 21 2' 
_symmetry.pdbx_full_space_group_name_H-M   ? 
# 
_exptl.absorpt_coefficient_mu     ? 
_exptl.absorpt_correction_T_max   ? 
_exptl.absorpt_correction_T_min   ? 
_exptl.absorpt_correction_type    ? 
_exptl.absorpt_process_details    ? 
_exptl.entry_id                   5V64 
_exptl.crystals_number            1 
_exptl.details                    ? 
_exptl.method                     'X-RAY DIFFRACTION' 
_exptl.method_details             ? 
# 
_exptl_crystal.colour                      ? 
_exptl_crystal.density_diffrn              ? 
_exptl_crystal.density_Matthews            1.84 
_exptl_crystal.density_method              ? 
_exptl_crystal.density_percent_sol         33.33 
_exptl_crystal.description                 ? 
_exptl_crystal.F_000                       ? 
_exptl_crystal.id                          1 
_exptl_crystal.preparation                 ? 
_exptl_crystal.size_max                    ? 
_exptl_crystal.size_mid                    ? 
_exptl_crystal.size_min                    ? 
_exptl_crystal.size_rad                    ? 
_exptl_crystal.colour_lustre               ? 
_exptl_crystal.colour_modifier             ? 
_exptl_crystal.colour_primary              ? 
_exptl_crystal.density_meas                ? 
_exptl_crystal.density_meas_esd            ? 
_exptl_crystal.density_meas_gt             ? 
_exptl_crystal.density_meas_lt             ? 
_exptl_crystal.density_meas_temp           ? 
_exptl_crystal.density_meas_temp_esd       ? 
_exptl_crystal.density_meas_temp_gt        ? 
_exptl_crystal.density_meas_temp_lt        ? 
_exptl_crystal.pdbx_crystal_image_url      ? 
_exptl_crystal.pdbx_crystal_image_format   ? 
_exptl_crystal.pdbx_mosaicity              ? 
_exptl_crystal.pdbx_mosaicity_esd          ? 
# 
_exptl_crystal_grow.apparatus       ? 
_exptl_crystal_grow.atmosphere      ? 
_exptl_crystal_grow.crystal_id      1 
_exptl_crystal_grow.details         ? 
_exptl_crystal_grow.method          'VAPOR DIFFUSION, HANGING DROP' 
_exptl_crystal_grow.method_ref      ? 
_exptl_crystal_grow.pH              ? 
_exptl_crystal_grow.pressure        ? 
_exptl_crystal_grow.pressure_esd    ? 
_exptl_crystal_grow.seeding         ? 
_exptl_crystal_grow.seeding_ref     ? 
_exptl_crystal_grow.temp            296.15 
_exptl_crystal_grow.temp_details    ? 
_exptl_crystal_grow.temp_esd        ? 
_exptl_crystal_grow.time            ? 
_exptl_crystal_grow.pdbx_details    
;0.1 M sodium citrate, pH 5.25
24% PEG 4000
23% isopropanol
;
_exptl_crystal_grow.pdbx_pH_range   ? 
# 
_diffrn.ambient_environment    ? 
_diffrn.ambient_temp           100 
_diffrn.ambient_temp_details   ? 
_diffrn.ambient_temp_esd       ? 
_diffrn.crystal_id             1 
_diffrn.crystal_support        ? 
_diffrn.crystal_treatment      ? 
_diffrn.details                ? 
_diffrn.id                     1 
_diffrn.ambient_pressure       ? 
_diffrn.ambient_pressure_esd   ? 
_diffrn.ambient_pressure_gt    ? 
_diffrn.ambient_pressure_lt    ? 
_diffrn.ambient_temp_gt        ? 
_diffrn.ambient_temp_lt        ? 
# 
_diffrn_detector.details                      ? 
_diffrn_detector.detector                     CCD 
_diffrn_detector.diffrn_id                    1 
_diffrn_detector.type                         'RIGAKU SATURN 944+' 
_diffrn_detector.area_resol_mean              ? 
_diffrn_detector.dtime                        ? 
_diffrn_detector.pdbx_frames_total            ? 
_diffrn_detector.pdbx_collection_time_total   ? 
_diffrn_detector.pdbx_collection_date         2014-07-31 
# 
_diffrn_radiation.collimation                      ? 
_diffrn_radiation.diffrn_id                        1 
_diffrn_radiation.filter_edge                      ? 
_diffrn_radiation.inhomogeneity                    ? 
_diffrn_radiation.monochromator                    ? 
_diffrn_radiation.polarisn_norm                    ? 
_diffrn_radiation.polarisn_ratio                   ? 
_diffrn_radiation.probe                            ? 
_diffrn_radiation.type                             ? 
_diffrn_radiation.xray_symbol                      ? 
_diffrn_radiation.wavelength_id                    1 
_diffrn_radiation.pdbx_monochromatic_or_laue_m_l   M 
_diffrn_radiation.pdbx_wavelength_list             ? 
_diffrn_radiation.pdbx_wavelength                  ? 
_diffrn_radiation.pdbx_diffrn_protocol             'SINGLE WAVELENGTH' 
_diffrn_radiation.pdbx_analyzer                    ? 
_diffrn_radiation.pdbx_scattering_type             x-ray 
# 
_diffrn_radiation_wavelength.id           1 
_diffrn_radiation_wavelength.wavelength   1.54 
_diffrn_radiation_wavelength.wt           1.0 
# 
_diffrn_source.current                     ? 
_diffrn_source.details                     ? 
_diffrn_source.diffrn_id                   1 
_diffrn_source.power                       ? 
_diffrn_source.size                        ? 
_diffrn_source.source                      'ROTATING ANODE' 
_diffrn_source.target                      ? 
_diffrn_source.type                        'RIGAKU MICROMAX-007 HF' 
_diffrn_source.voltage                     ? 
_diffrn_source.take-off_angle              ? 
_diffrn_source.pdbx_wavelength_list        1.54 
_diffrn_source.pdbx_wavelength             ? 
_diffrn_source.pdbx_synchrotron_beamline   ? 
_diffrn_source.pdbx_synchrotron_site       ? 
# 
_reflns.B_iso_Wilson_estimate            ? 
_reflns.entry_id                         5V64 
_reflns.data_reduction_details           ? 
_reflns.data_reduction_method            ? 
_reflns.d_resolution_high                2.023 
_reflns.d_resolution_low                 18.07 
_reflns.details                          ? 
_reflns.limit_h_max                      ? 
_reflns.limit_h_min                      ? 
_reflns.limit_k_max                      ? 
_reflns.limit_k_min                      ? 
_reflns.limit_l_max                      ? 
_reflns.limit_l_min                      ? 
_reflns.number_all                       ? 
_reflns.number_obs                       4263 
_reflns.observed_criterion               ? 
_reflns.observed_criterion_F_max         ? 
_reflns.observed_criterion_F_min         ? 
_reflns.observed_criterion_I_max         ? 
_reflns.observed_criterion_I_min         ? 
_reflns.observed_criterion_sigma_F       ? 
_reflns.observed_criterion_sigma_I       ? 
_reflns.percent_possible_obs             97.84 
_reflns.R_free_details                   ? 
_reflns.Rmerge_F_all                     ? 
_reflns.Rmerge_F_obs                     ? 
_reflns.Friedel_coverage                 ? 
_reflns.number_gt                        ? 
_reflns.threshold_expression             ? 
_reflns.pdbx_redundancy                  4.2 
_reflns.pdbx_Rmerge_I_obs                0.1042 
_reflns.pdbx_Rmerge_I_all                ? 
_reflns.pdbx_Rsym_value                  ? 
_reflns.pdbx_netI_over_av_sigmaI         ? 
_reflns.pdbx_netI_over_sigmaI            14.02 
_reflns.pdbx_res_netI_over_av_sigmaI_2   ? 
_reflns.pdbx_res_netI_over_sigmaI_2      ? 
_reflns.pdbx_chi_squared                 ? 
_reflns.pdbx_scaling_rejects             ? 
_reflns.pdbx_d_res_high_opt              ? 
_reflns.pdbx_d_res_low_opt               ? 
_reflns.pdbx_d_res_opt_method            ? 
_reflns.phase_calculation_details        ? 
_reflns.pdbx_Rrim_I_all                  ? 
_reflns.pdbx_Rpim_I_all                  ? 
_reflns.pdbx_d_opt                       ? 
_reflns.pdbx_number_measured_all         ? 
_reflns.pdbx_diffrn_id                   1 
_reflns.pdbx_ordinal                     1 
_reflns.pdbx_CC_half                     ? 
_reflns.pdbx_R_split                     ? 
# 
_reflns_shell.d_res_high                  2.023 
_reflns_shell.d_res_low                   2.095 
_reflns_shell.meanI_over_sigI_all         ? 
_reflns_shell.meanI_over_sigI_obs         4.69 
_reflns_shell.number_measured_all         ? 
_reflns_shell.number_measured_obs         ? 
_reflns_shell.number_possible             ? 
_reflns_shell.number_unique_all           ? 
_reflns_shell.number_unique_obs           204 
_reflns_shell.percent_possible_all        85.29 
_reflns_shell.percent_possible_obs        ? 
_reflns_shell.Rmerge_F_all                ? 
_reflns_shell.Rmerge_F_obs                ? 
_reflns_shell.Rmerge_I_all                ? 
_reflns_shell.Rmerge_I_obs                0.2209 
_reflns_shell.meanI_over_sigI_gt          ? 
_reflns_shell.meanI_over_uI_all           ? 
_reflns_shell.meanI_over_uI_gt            ? 
_reflns_shell.number_measured_gt          ? 
_reflns_shell.number_unique_gt            ? 
_reflns_shell.percent_possible_gt         ? 
_reflns_shell.Rmerge_F_gt                 ? 
_reflns_shell.Rmerge_I_gt                 ? 
_reflns_shell.pdbx_redundancy             ? 
_reflns_shell.pdbx_Rsym_value             ? 
_reflns_shell.pdbx_chi_squared            ? 
_reflns_shell.pdbx_netI_over_sigmaI_all   ? 
_reflns_shell.pdbx_netI_over_sigmaI_obs   ? 
_reflns_shell.pdbx_Rrim_I_all             ? 
_reflns_shell.pdbx_Rpim_I_all             ? 
_reflns_shell.pdbx_rejects                ? 
_reflns_shell.pdbx_ordinal                1 
_reflns_shell.pdbx_diffrn_id              1 
_reflns_shell.pdbx_CC_half                ? 
_reflns_shell.pdbx_R_split                ? 
# 
_refine.aniso_B[1][1]                            ? 
_refine.aniso_B[1][2]                            ? 
_refine.aniso_B[1][3]                            ? 
_refine.aniso_B[2][2]                            ? 
_refine.aniso_B[2][3]                            ? 
_refine.aniso_B[3][3]                            ? 
_refine.B_iso_max                                ? 
_refine.B_iso_mean                               ? 
_refine.B_iso_min                                ? 
_refine.correlation_coeff_Fo_to_Fc               ? 
_refine.correlation_coeff_Fo_to_Fc_free          ? 
_refine.details                                  ? 
_refine.diff_density_max                         ? 
_refine.diff_density_max_esd                     ? 
_refine.diff_density_min                         ? 
_refine.diff_density_min_esd                     ? 
_refine.diff_density_rms                         ? 
_refine.diff_density_rms_esd                     ? 
_refine.entry_id                                 5V64 
_refine.pdbx_refine_id                           'X-RAY DIFFRACTION' 
_refine.ls_abs_structure_details                 ? 
_refine.ls_abs_structure_Flack                   ? 
_refine.ls_abs_structure_Flack_esd               ? 
_refine.ls_abs_structure_Rogers                  ? 
_refine.ls_abs_structure_Rogers_esd              ? 
_refine.ls_d_res_high                            2.023 
_refine.ls_d_res_low                             18.07 
_refine.ls_extinction_coef                       ? 
_refine.ls_extinction_coef_esd                   ? 
_refine.ls_extinction_expression                 ? 
_refine.ls_extinction_method                     ? 
_refine.ls_goodness_of_fit_all                   ? 
_refine.ls_goodness_of_fit_all_esd               ? 
_refine.ls_goodness_of_fit_obs                   ? 
_refine.ls_goodness_of_fit_obs_esd               ? 
_refine.ls_hydrogen_treatment                    ? 
_refine.ls_matrix_type                           ? 
_refine.ls_number_constraints                    ? 
_refine.ls_number_parameters                     ? 
_refine.ls_number_reflns_all                     ? 
_refine.ls_number_reflns_obs                     1689 
_refine.ls_number_reflns_R_free                  170 
_refine.ls_number_reflns_R_work                  ? 
_refine.ls_number_restraints                     ? 
_refine.ls_percent_reflns_obs                    93.89 
_refine.ls_percent_reflns_R_free                 10.07 
_refine.ls_R_factor_all                          ? 
_refine.ls_R_factor_obs                          0.2003 
_refine.ls_R_factor_R_free                       0.2441 
_refine.ls_R_factor_R_free_error                 ? 
_refine.ls_R_factor_R_free_error_details         ? 
_refine.ls_R_factor_R_work                       0.1950 
_refine.ls_R_Fsqd_factor_obs                     ? 
_refine.ls_R_I_factor_obs                        ? 
_refine.ls_redundancy_reflns_all                 ? 
_refine.ls_redundancy_reflns_obs                 ? 
_refine.ls_restrained_S_all                      ? 
_refine.ls_restrained_S_obs                      ? 
_refine.ls_shift_over_esd_max                    ? 
_refine.ls_shift_over_esd_mean                   ? 
_refine.ls_structure_factor_coef                 ? 
_refine.ls_weighting_details                     ? 
_refine.ls_weighting_scheme                      ? 
_refine.ls_wR_factor_all                         ? 
_refine.ls_wR_factor_obs                         ? 
_refine.ls_wR_factor_R_free                      ? 
_refine.ls_wR_factor_R_work                      ? 
_refine.occupancy_max                            ? 
_refine.occupancy_min                            ? 
_refine.solvent_model_details                    ? 
_refine.solvent_model_param_bsol                 ? 
_refine.solvent_model_param_ksol                 ? 
_refine.ls_R_factor_gt                           ? 
_refine.ls_goodness_of_fit_gt                    ? 
_refine.ls_goodness_of_fit_ref                   ? 
_refine.ls_shift_over_su_max                     ? 
_refine.ls_shift_over_su_max_lt                  ? 
_refine.ls_shift_over_su_mean                    ? 
_refine.ls_shift_over_su_mean_lt                 ? 
_refine.pdbx_ls_sigma_I                          ? 
_refine.pdbx_ls_sigma_F                          1.34 
_refine.pdbx_ls_sigma_Fsqd                       ? 
_refine.pdbx_data_cutoff_high_absF               ? 
_refine.pdbx_data_cutoff_high_rms_absF           ? 
_refine.pdbx_data_cutoff_low_absF                ? 
_refine.pdbx_isotropic_thermal_model             ? 
_refine.pdbx_ls_cross_valid_method               'FREE R-VALUE' 
_refine.pdbx_method_to_determine_struct          SAD 
_refine.pdbx_starting_model                      ? 
_refine.pdbx_stereochemistry_target_values       ? 
_refine.pdbx_R_Free_selection_details            ? 
_refine.pdbx_stereochem_target_val_spec_case     ? 
_refine.pdbx_overall_ESU_R                       ? 
_refine.pdbx_overall_ESU_R_Free                  ? 
_refine.pdbx_solvent_vdw_probe_radii             1.11 
_refine.pdbx_solvent_ion_probe_radii             ? 
_refine.pdbx_solvent_shrinkage_radii             0.90 
_refine.pdbx_real_space_R                        ? 
_refine.pdbx_density_correlation                 ? 
_refine.pdbx_pd_number_of_powder_patterns        ? 
_refine.pdbx_pd_number_of_points                 ? 
_refine.pdbx_pd_meas_number_of_points            ? 
_refine.pdbx_pd_proc_ls_prof_R_factor            ? 
_refine.pdbx_pd_proc_ls_prof_wR_factor           ? 
_refine.pdbx_pd_Marquardt_correlation_coeff      ? 
_refine.pdbx_pd_Fsqrd_R_factor                   ? 
_refine.pdbx_pd_ls_matrix_band_width             ? 
_refine.pdbx_overall_phase_error                 25.58 
_refine.pdbx_overall_SU_R_free_Cruickshank_DPI   ? 
_refine.pdbx_overall_SU_R_free_Blow_DPI          ? 
_refine.pdbx_overall_SU_R_Blow_DPI               ? 
_refine.pdbx_TLS_residual_ADP_flag               ? 
_refine.pdbx_diffrn_id                           1 
_refine.overall_SU_B                             ? 
_refine.overall_SU_ML                            0.25 
_refine.overall_SU_R_Cruickshank_DPI             ? 
_refine.overall_SU_R_free                        ? 
_refine.overall_FOM_free_R_set                   ? 
_refine.overall_FOM_work_R_set                   ? 
_refine.pdbx_average_fsc_overall                 ? 
_refine.pdbx_average_fsc_work                    ? 
_refine.pdbx_average_fsc_free                    ? 
# 
_refine_hist.pdbx_refine_id                   'X-RAY DIFFRACTION' 
_refine_hist.cycle_id                         LAST 
_refine_hist.pdbx_number_atoms_protein        126 
_refine_hist.pdbx_number_atoms_nucleic_acid   0 
_refine_hist.pdbx_number_atoms_ligand         15 
_refine_hist.number_atoms_solvent             9 
_refine_hist.number_atoms_total               150 
_refine_hist.d_res_high                       2.023 
_refine_hist.d_res_low                        18.07 
# 
loop_
_refine_ls_restr.pdbx_refine_id 
_refine_ls_restr.criterion 
_refine_ls_restr.dev_ideal 
_refine_ls_restr.dev_ideal_target 
_refine_ls_restr.number 
_refine_ls_restr.rejects 
_refine_ls_restr.type 
_refine_ls_restr.weight 
_refine_ls_restr.pdbx_restraint_function 
'X-RAY DIFFRACTION' ? 0.005  ? 140 ? f_bond_d           ? ? 
'X-RAY DIFFRACTION' ? 1.145  ? 187 ? f_angle_d          ? ? 
'X-RAY DIFFRACTION' ? 30.941 ? 64  ? f_dihedral_angle_d ? ? 
'X-RAY DIFFRACTION' ? 0.044  ? 21  ? f_chiral_restr     ? ? 
'X-RAY DIFFRACTION' ? 0.006  ? 23  ? f_plane_restr      ? ? 
# 
_struct.entry_id                     5V64 
_struct.title                        
'Crystal structure of macrocycles containing Abeta 15-21 (QKLV(PHI)FA) and Abeta 30-36 (AII(SAR)L(ORN)V)' 
_struct.pdbx_model_details           ? 
_struct.pdbx_formula_weight          ? 
_struct.pdbx_formula_weight_method   ? 
_struct.pdbx_model_type_details      ? 
_struct.pdbx_CASP_flag               N 
# 
_struct_keywords.entry_id        5V64 
_struct_keywords.text            'beta-hairpin, macrocycle, DE NOVO PROTEIN' 
_struct_keywords.pdbx_keywords   'DE NOVO PROTEIN' 
# 
loop_
_struct_asym.id 
_struct_asym.pdbx_blank_PDB_chainid_flag 
_struct_asym.pdbx_modified 
_struct_asym.entity_id 
_struct_asym.details 
A N N 1 ? 
B N N 2 ? 
C N N 3 ? 
D N N 3 ? 
E N N 4 ? 
# 
_struct_ref.id                         1 
_struct_ref.db_name                    PDB 
_struct_ref.db_code                    5V64 
_struct_ref.pdbx_db_accession          5V64 
_struct_ref.pdbx_db_isoform            ? 
_struct_ref.entity_id                  1 
_struct_ref.pdbx_seq_one_letter_code   ? 
_struct_ref.pdbx_align_begin           1 
# 
_struct_ref_seq.align_id                      1 
_struct_ref_seq.ref_id                        1 
_struct_ref_seq.pdbx_PDB_id_code              5V64 
_struct_ref_seq.pdbx_strand_id                A 
_struct_ref_seq.seq_align_beg                 1 
_struct_ref_seq.pdbx_seq_align_beg_ins_code   ? 
_struct_ref_seq.seq_align_end                 16 
_struct_ref_seq.pdbx_seq_align_end_ins_code   ? 
_struct_ref_seq.pdbx_db_accession             5V64 
_struct_ref_seq.db_align_beg                  1 
_struct_ref_seq.pdbx_db_align_beg_ins_code    ? 
_struct_ref_seq.db_align_end                  16 
_struct_ref_seq.pdbx_db_align_end_ins_code    ? 
_struct_ref_seq.pdbx_auth_seq_align_beg       1 
_struct_ref_seq.pdbx_auth_seq_align_end       16 
# 
loop_
_pdbx_struct_assembly.id 
_pdbx_struct_assembly.details 
_pdbx_struct_assembly.method_details 
_pdbx_struct_assembly.oligomeric_details 
_pdbx_struct_assembly.oligomeric_count 
1 author_defined_assembly   ?    monomeric 1 
2 software_defined_assembly PISA dimeric   2 
# 
loop_
_pdbx_struct_assembly_prop.biol_id 
_pdbx_struct_assembly_prop.type 
_pdbx_struct_assembly_prop.value 
_pdbx_struct_assembly_prop.details 
1 'ABSA (A^2)' 370  ? 
1 MORE         -13  ? 
1 'SSA (A^2)'  1840 ? 
2 'ABSA (A^2)' 1150 ? 
2 MORE         -29  ? 
2 'SSA (A^2)'  3160 ? 
# 
loop_
_pdbx_struct_assembly_gen.assembly_id 
_pdbx_struct_assembly_gen.oper_expression 
_pdbx_struct_assembly_gen.asym_id_list 
1 1   A,B,C,D,E 
2 1,2 A,B,C,D,E 
# 
_pdbx_struct_assembly_auth_evidence.id                     1 
_pdbx_struct_assembly_auth_evidence.assembly_id            1 
_pdbx_struct_assembly_auth_evidence.experimental_support   none 
_pdbx_struct_assembly_auth_evidence.details                ? 
# 
loop_
_pdbx_struct_oper_list.id 
_pdbx_struct_oper_list.type 
_pdbx_struct_oper_list.name 
_pdbx_struct_oper_list.symmetry_operation 
_pdbx_struct_oper_list.matrix[1][1] 
_pdbx_struct_oper_list.matrix[1][2] 
_pdbx_struct_oper_list.matrix[1][3] 
_pdbx_struct_oper_list.vector[1] 
_pdbx_struct_oper_list.matrix[2][1] 
_pdbx_struct_oper_list.matrix[2][2] 
_pdbx_struct_oper_list.matrix[2][3] 
_pdbx_struct_oper_list.vector[2] 
_pdbx_struct_oper_list.matrix[3][1] 
_pdbx_struct_oper_list.matrix[3][2] 
_pdbx_struct_oper_list.matrix[3][3] 
_pdbx_struct_oper_list.vector[3] 
1 'identity operation'         1_555 x,y,z     1.0000000000 0.0000000000 0.0000000000 0.0000000000 0.0000000000 1.0000000000  0.0000000000 0.0000000000 0.0000000000 0.0000000000 1.0000000000  0.0000000000   
2 'crystal symmetry operation' 2_565 -x,-y+1,z 0.2640179937 0.7080315344 0.6549701103 4.7468515766 0.7080315344 -0.6034006983 0.3668772869 2.7505949650 0.6549701103 0.3668772869 -0.6606172954 -12.1343152235 
# 
loop_
_struct_conn.id 
_struct_conn.conn_type_id 
_struct_conn.pdbx_leaving_atom_flag 
_struct_conn.pdbx_PDB_id 
_struct_conn.ptnr1_label_asym_id 
_struct_conn.ptnr1_label_comp_id 
_struct_conn.ptnr1_label_seq_id 
_struct_conn.ptnr1_label_atom_id 
_struct_conn.pdbx_ptnr1_label_alt_id 
_struct_conn.pdbx_ptnr1_PDB_ins_code 
_struct_conn.pdbx_ptnr1_standard_comp_id 
_struct_conn.ptnr1_symmetry 
_struct_conn.ptnr2_label_asym_id 
_struct_conn.ptnr2_label_comp_id 
_struct_conn.ptnr2_label_seq_id 
_struct_conn.ptnr2_label_atom_id 
_struct_conn.pdbx_ptnr2_label_alt_id 
_struct_conn.pdbx_ptnr2_PDB_ins_code 
_struct_conn.ptnr1_auth_asym_id 
_struct_conn.ptnr1_auth_comp_id 
_struct_conn.ptnr1_auth_seq_id 
_struct_conn.ptnr2_auth_asym_id 
_struct_conn.ptnr2_auth_comp_id 
_struct_conn.ptnr2_auth_seq_id 
_struct_conn.ptnr2_symmetry 
_struct_conn.pdbx_ptnr3_label_atom_id 
_struct_conn.pdbx_ptnr3_label_seq_id 
_struct_conn.pdbx_ptnr3_label_comp_id 
_struct_conn.pdbx_ptnr3_label_asym_id 
_struct_conn.pdbx_ptnr3_label_alt_id 
_struct_conn.pdbx_ptnr3_PDB_ins_code 
_struct_conn.details 
_struct_conn.pdbx_dist_value 
_struct_conn.pdbx_value_order 
_struct_conn.pdbx_role 
covale1 covale both ? A ORN 1  C   ? ? ? 1_555 A GLN 2  N  ? ? A ORN 1   A GLN 2   1_555 ? ? ? ? ? ? ? 1.373 ? ? 
covale2 covale both ? A ORN 1  NE  ? ? ? 1_555 A VAL 16 C  ? ? A ORN 1   A VAL 16  1_555 ? ? ? ? ? ? ? 1.377 ? ? 
covale3 covale both ? A VAL 5  C   ? ? ? 1_555 A PHI 6  N  ? ? A VAL 5   A PHI 6   1_555 ? ? ? ? ? ? ? 1.330 ? ? 
covale4 covale both ? A PHI 6  C   ? ? ? 1_555 A PHE 7  N  ? ? A PHI 6   A PHE 7   1_555 ? ? ? ? ? ? ? 1.329 ? ? 
covale5 covale both ? A ALA 8  C   ? ? ? 1_555 A ORN 9  NE ? ? A ALA 8   A ORN 9   1_555 ? ? ? ? ? ? ? 1.377 ? ? 
covale6 covale both ? A ORN 9  C   ? ? ? 1_555 A ALA 10 N  ? ? A ORN 9   A ALA 10  1_555 ? ? ? ? ? ? ? 1.326 ? ? 
covale7 covale both ? A ILE 12 C   ? ? ? 1_555 A SAR 13 N  ? ? A ILE 12  A SAR 13  1_555 ? ? ? ? ? ? ? 1.342 ? ? 
covale8 covale both ? A SAR 13 C   ? ? ? 1_555 A LEU 14 N  ? ? A SAR 13  A LEU 14  1_555 ? ? ? ? ? ? ? 1.329 ? ? 
metalc1 metalc ?    ? B FLC .  OB1 ? ? ? 1_555 C NA  .  NA ? ? A FLC 101 A NA  102 1_555 ? ? ? ? ? ? ? 2.432 ? ? 
metalc2 metalc ?    ? B FLC .  OB2 ? ? ? 1_555 C NA  .  NA ? ? A FLC 101 A NA  102 1_555 ? ? ? ? ? ? ? 3.026 ? ? 
metalc3 metalc ?    ? B FLC .  OB1 ? ? ? 1_555 C NA  .  NA ? ? A FLC 101 A NA  102 2_565 ? ? ? ? ? ? ? 2.433 ? ? 
metalc4 metalc ?    ? B FLC .  OB2 ? ? ? 1_555 C NA  .  NA ? ? A FLC 101 A NA  102 2_565 ? ? ? ? ? ? ? 3.025 ? ? 
metalc5 metalc ?    ? B FLC .  OA1 ? ? ? 1_555 D NA  .  NA ? ? A FLC 101 A NA  103 1_555 ? ? ? ? ? ? ? 3.120 ? ? 
metalc6 metalc ?    ? D NA  .  NA  ? ? ? 1_555 E HOH .  O  ? ? A NA  103 A HOH 207 2_665 ? ? ? ? ? ? ? 2.885 ? ? 
# 
loop_
_struct_conn_type.id 
_struct_conn_type.criteria 
_struct_conn_type.reference 
covale ? ? 
metalc ? ? 
# 
loop_
_pdbx_struct_conn_angle.id 
_pdbx_struct_conn_angle.ptnr1_label_atom_id 
_pdbx_struct_conn_angle.ptnr1_label_alt_id 
_pdbx_struct_conn_angle.ptnr1_label_asym_id 
_pdbx_struct_conn_angle.ptnr1_label_comp_id 
_pdbx_struct_conn_angle.ptnr1_label_seq_id 
_pdbx_struct_conn_angle.ptnr1_auth_atom_id 
_pdbx_struct_conn_angle.ptnr1_auth_asym_id 
_pdbx_struct_conn_angle.ptnr1_auth_comp_id 
_pdbx_struct_conn_angle.ptnr1_auth_seq_id 
_pdbx_struct_conn_angle.ptnr1_PDB_ins_code 
_pdbx_struct_conn_angle.ptnr1_symmetry 
_pdbx_struct_conn_angle.ptnr2_label_atom_id 
_pdbx_struct_conn_angle.ptnr2_label_alt_id 
_pdbx_struct_conn_angle.ptnr2_label_asym_id 
_pdbx_struct_conn_angle.ptnr2_label_comp_id 
_pdbx_struct_conn_angle.ptnr2_label_seq_id 
_pdbx_struct_conn_angle.ptnr2_auth_atom_id 
_pdbx_struct_conn_angle.ptnr2_auth_asym_id 
_pdbx_struct_conn_angle.ptnr2_auth_comp_id 
_pdbx_struct_conn_angle.ptnr2_auth_seq_id 
_pdbx_struct_conn_angle.ptnr2_PDB_ins_code 
_pdbx_struct_conn_angle.ptnr2_symmetry 
_pdbx_struct_conn_angle.ptnr3_label_atom_id 
_pdbx_struct_conn_angle.ptnr3_label_alt_id 
_pdbx_struct_conn_angle.ptnr3_label_asym_id 
_pdbx_struct_conn_angle.ptnr3_label_comp_id 
_pdbx_struct_conn_angle.ptnr3_label_seq_id 
_pdbx_struct_conn_angle.ptnr3_auth_atom_id 
_pdbx_struct_conn_angle.ptnr3_auth_asym_id 
_pdbx_struct_conn_angle.ptnr3_auth_comp_id 
_pdbx_struct_conn_angle.ptnr3_auth_seq_id 
_pdbx_struct_conn_angle.ptnr3_PDB_ins_code 
_pdbx_struct_conn_angle.ptnr3_symmetry 
_pdbx_struct_conn_angle.value 
_pdbx_struct_conn_angle.value_esd 
1 OB1 ? B FLC . ? A FLC 101 ? 1_555 NA ? C NA . ? A NA 102 ? 1_555 OB2 ? B FLC . ? A FLC 101 ? 1_555 45.2  ? 
2 OB1 ? B FLC . ? A FLC 101 ? 1_555 NA ? C NA . ? A NA 102 ? 1_555 OB1 ? B FLC . ? A FLC 101 ? 1_555 0.0   ? 
3 OB2 ? B FLC . ? A FLC 101 ? 1_555 NA ? C NA . ? A NA 102 ? 1_555 OB1 ? B FLC . ? A FLC 101 ? 1_555 45.2  ? 
4 OB1 ? B FLC . ? A FLC 101 ? 1_555 NA ? C NA . ? A NA 102 ? 1_555 OB2 ? B FLC . ? A FLC 101 ? 1_555 45.2  ? 
5 OB2 ? B FLC . ? A FLC 101 ? 1_555 NA ? C NA . ? A NA 102 ? 1_555 OB2 ? B FLC . ? A FLC 101 ? 1_555 0.0   ? 
6 OB1 ? B FLC . ? A FLC 101 ? 1_555 NA ? C NA . ? A NA 102 ? 1_555 OB2 ? B FLC . ? A FLC 101 ? 1_555 45.2  ? 
7 OA1 ? B FLC . ? A FLC 101 ? 1_555 NA ? D NA . ? A NA 103 ? 1_555 O   ? E HOH . ? A HOH 207 ? 2_665 112.1 ? 
# 
loop_
_pdbx_modification_feature.ordinal 
_pdbx_modification_feature.label_comp_id 
_pdbx_modification_feature.label_asym_id 
_pdbx_modification_feature.label_seq_id 
_pdbx_modification_feature.label_alt_id 
_pdbx_modification_feature.modified_residue_label_comp_id 
_pdbx_modification_feature.modified_residue_label_asym_id 
_pdbx_modification_feature.modified_residue_label_seq_id 
_pdbx_modification_feature.modified_residue_label_alt_id 
_pdbx_modification_feature.auth_comp_id 
_pdbx_modification_feature.auth_asym_id 
_pdbx_modification_feature.auth_seq_id 
_pdbx_modification_feature.PDB_ins_code 
_pdbx_modification_feature.symmetry 
_pdbx_modification_feature.modified_residue_auth_comp_id 
_pdbx_modification_feature.modified_residue_auth_asym_id 
_pdbx_modification_feature.modified_residue_auth_seq_id 
_pdbx_modification_feature.modified_residue_PDB_ins_code 
_pdbx_modification_feature.modified_residue_symmetry 
_pdbx_modification_feature.comp_id_linking_atom 
_pdbx_modification_feature.modified_residue_id_linking_atom 
_pdbx_modification_feature.modified_residue_id 
_pdbx_modification_feature.ref_pcm_id 
_pdbx_modification_feature.ref_comp_id 
_pdbx_modification_feature.type 
_pdbx_modification_feature.category 
1 ORN A 1  ? .   . .  . ORN A 1  ? 1_555 .   . .  . .     .  .  ?   1 ORN Ornithine   'Named protein modification' 
2 PHI A 6  ? .   . .  . PHI A 6  ? 1_555 .   . .  . .     .  .  PHE 1 PHI Iodination  'Named protein modification' 
3 ORN A 9  ? .   . .  . ORN A 9  ? 1_555 .   . .  . .     .  .  ?   1 ORN Ornithine   'Named protein modification' 
4 SAR A 13 ? .   . .  . SAR A 13 ? 1_555 .   . .  . .     .  .  GLY 1 SAR Methylation 'Named protein modification' 
5 ORN A 1  ? VAL A 16 ? ORN A 1  ? 1_555 VAL A 16 ? 1_555 NE C  .   . .   None        'Non-standard linkage'       
6 ALA A 8  ? ORN A 9  ? ALA A 8  ? 1_555 ORN A 9  ? 1_555 C  NE .   . .   None        'Non-standard linkage'       
# 
_struct_sheet.id               AA1 
_struct_sheet.type             ? 
_struct_sheet.number_strands   2 
_struct_sheet.details          ? 
# 
_struct_sheet_order.sheet_id     AA1 
_struct_sheet_order.range_id_1   1 
_struct_sheet_order.range_id_2   2 
_struct_sheet_order.offset       ? 
_struct_sheet_order.sense        anti-parallel 
# 
loop_
_struct_sheet_range.sheet_id 
_struct_sheet_range.id 
_struct_sheet_range.beg_label_comp_id 
_struct_sheet_range.beg_label_asym_id 
_struct_sheet_range.beg_label_seq_id 
_struct_sheet_range.pdbx_beg_PDB_ins_code 
_struct_sheet_range.end_label_comp_id 
_struct_sheet_range.end_label_asym_id 
_struct_sheet_range.end_label_seq_id 
_struct_sheet_range.pdbx_end_PDB_ins_code 
_struct_sheet_range.beg_auth_comp_id 
_struct_sheet_range.beg_auth_asym_id 
_struct_sheet_range.beg_auth_seq_id 
_struct_sheet_range.end_auth_comp_id 
_struct_sheet_range.end_auth_asym_id 
_struct_sheet_range.end_auth_seq_id 
AA1 1 GLN A 2  ? PHE A 7  ? GLN A 2  PHE A 7  
AA1 2 ILE A 11 ? VAL A 16 ? ILE A 11 VAL A 16 
# 
_pdbx_struct_sheet_hbond.sheet_id                AA1 
_pdbx_struct_sheet_hbond.range_id_1              1 
_pdbx_struct_sheet_hbond.range_id_2              2 
_pdbx_struct_sheet_hbond.range_1_label_atom_id   N 
_pdbx_struct_sheet_hbond.range_1_label_comp_id   LEU 
_pdbx_struct_sheet_hbond.range_1_label_asym_id   A 
_pdbx_struct_sheet_hbond.range_1_label_seq_id    4 
_pdbx_struct_sheet_hbond.range_1_PDB_ins_code    ? 
_pdbx_struct_sheet_hbond.range_1_auth_atom_id    N 
_pdbx_struct_sheet_hbond.range_1_auth_comp_id    LEU 
_pdbx_struct_sheet_hbond.range_1_auth_asym_id    A 
_pdbx_struct_sheet_hbond.range_1_auth_seq_id     4 
_pdbx_struct_sheet_hbond.range_2_label_atom_id   O 
_pdbx_struct_sheet_hbond.range_2_label_comp_id   LEU 
_pdbx_struct_sheet_hbond.range_2_label_asym_id   A 
_pdbx_struct_sheet_hbond.range_2_label_seq_id    14 
_pdbx_struct_sheet_hbond.range_2_PDB_ins_code    ? 
_pdbx_struct_sheet_hbond.range_2_auth_atom_id    O 
_pdbx_struct_sheet_hbond.range_2_auth_comp_id    LEU 
_pdbx_struct_sheet_hbond.range_2_auth_asym_id    A 
_pdbx_struct_sheet_hbond.range_2_auth_seq_id     14 
# 
loop_
_struct_site.id 
_struct_site.pdbx_evidence_code 
_struct_site.pdbx_auth_asym_id 
_struct_site.pdbx_auth_comp_id 
_struct_site.pdbx_auth_seq_id 
_struct_site.pdbx_auth_ins_code 
_struct_site.pdbx_num_residues 
_struct_site.details 
AC1 Software A FLC 101 ? 7 'binding site for residue FLC A 101' 
AC2 Software A NA  102 ? 2 'binding site for residue NA A 102'  
AC3 Software A NA  103 ? 3 'binding site for residue NA A 103'  
# 
loop_
_struct_site_gen.id 
_struct_site_gen.site_id 
_struct_site_gen.pdbx_num_res 
_struct_site_gen.label_comp_id 
_struct_site_gen.label_asym_id 
_struct_site_gen.label_seq_id 
_struct_site_gen.pdbx_auth_ins_code 
_struct_site_gen.auth_comp_id 
_struct_site_gen.auth_asym_id 
_struct_site_gen.auth_seq_id 
_struct_site_gen.label_atom_id 
_struct_site_gen.label_alt_id 
_struct_site_gen.symmetry 
_struct_site_gen.details 
1  AC1 7 ORN A 1 ? ORN A 1   . ? 1_556 ? 
2  AC1 7 LYS A 3 ? LYS A 3   . ? 4_466 ? 
3  AC1 7 PHE A 7 ? PHE A 7   . ? 1_555 ? 
4  AC1 7 ORN A 9 ? ORN A 9   . ? 1_555 ? 
5  AC1 7 NA  C . ? NA  A 102 . ? 2_565 ? 
6  AC1 7 NA  C . ? NA  A 102 . ? 1_555 ? 
7  AC1 7 NA  D . ? NA  A 103 . ? 1_555 ? 
8  AC2 2 FLC B . ? FLC A 101 . ? 2_565 ? 
9  AC2 2 FLC B . ? FLC A 101 . ? 1_555 ? 
10 AC3 3 ORN A 9 ? ORN A 9   . ? 1_555 ? 
11 AC3 3 FLC B . ? FLC A 101 . ? 1_555 ? 
12 AC3 3 HOH E . ? HOH A 207 . ? 2_665 ? 
# 
_pdbx_entry_details.entry_id                   5V64 
_pdbx_entry_details.compound_details           
;chemical models of beta-amyloid oligomerization. They are designed to mimic a beta-hairpin formed by beta-amyloid, that is thought to self-assemble giving rise to neurotoxic oligomers of beta-amyloid in Alzheimer's diseased brains
;
_pdbx_entry_details.source_details             ? 
_pdbx_entry_details.nonpolymer_details         ? 
_pdbx_entry_details.sequence_details           ? 
_pdbx_entry_details.has_ligand_of_interest     ? 
_pdbx_entry_details.has_protein_modification   Y 
# 
_pdbx_validate_close_contact.id               1 
_pdbx_validate_close_contact.PDB_model_num    1 
_pdbx_validate_close_contact.auth_atom_id_1   H3 
_pdbx_validate_close_contact.auth_asym_id_1   A 
_pdbx_validate_close_contact.auth_comp_id_1   ORN 
_pdbx_validate_close_contact.auth_seq_id_1    9 
_pdbx_validate_close_contact.PDB_ins_code_1   ? 
_pdbx_validate_close_contact.label_alt_id_1   ? 
_pdbx_validate_close_contact.auth_atom_id_2   O 
_pdbx_validate_close_contact.auth_asym_id_2   A 
_pdbx_validate_close_contact.auth_comp_id_2   HOH 
_pdbx_validate_close_contact.auth_seq_id_2    202 
_pdbx_validate_close_contact.PDB_ins_code_2   ? 
_pdbx_validate_close_contact.label_alt_id_2   ? 
_pdbx_validate_close_contact.dist             1.46 
# 
_pdbx_validate_symm_contact.id                1 
_pdbx_validate_symm_contact.PDB_model_num     1 
_pdbx_validate_symm_contact.auth_atom_id_1    O 
_pdbx_validate_symm_contact.auth_asym_id_1    A 
_pdbx_validate_symm_contact.auth_comp_id_1    HOH 
_pdbx_validate_symm_contact.auth_seq_id_1     203 
_pdbx_validate_symm_contact.PDB_ins_code_1    ? 
_pdbx_validate_symm_contact.label_alt_id_1    ? 
_pdbx_validate_symm_contact.site_symmetry_1   1_555 
_pdbx_validate_symm_contact.auth_atom_id_2    O 
_pdbx_validate_symm_contact.auth_asym_id_2    A 
_pdbx_validate_symm_contact.auth_comp_id_2    HOH 
_pdbx_validate_symm_contact.auth_seq_id_2     209 
_pdbx_validate_symm_contact.PDB_ins_code_2    ? 
_pdbx_validate_symm_contact.label_alt_id_2    ? 
_pdbx_validate_symm_contact.site_symmetry_2   4_565 
_pdbx_validate_symm_contact.dist              2.01 
# 
loop_
_pdbx_struct_special_symmetry.id 
_pdbx_struct_special_symmetry.PDB_model_num 
_pdbx_struct_special_symmetry.auth_asym_id 
_pdbx_struct_special_symmetry.auth_comp_id 
_pdbx_struct_special_symmetry.auth_seq_id 
_pdbx_struct_special_symmetry.PDB_ins_code 
_pdbx_struct_special_symmetry.label_asym_id 
_pdbx_struct_special_symmetry.label_comp_id 
_pdbx_struct_special_symmetry.label_seq_id 
1 1 A NA  102 ? C NA  . 
2 1 A HOH 206 ? E HOH . 
# 
_pdbx_refine_tls.pdbx_refine_id   'X-RAY DIFFRACTION' 
_pdbx_refine_tls.id               1 
_pdbx_refine_tls.details          ? 
_pdbx_refine_tls.method           refined 
_pdbx_refine_tls.origin_x         1.4080 
_pdbx_refine_tls.origin_y         0.4940 
_pdbx_refine_tls.origin_z         0.1213 
_pdbx_refine_tls.T[1][1]          0.1547 
_pdbx_refine_tls.T[2][2]          0.1399 
_pdbx_refine_tls.T[3][3]          0.1341 
_pdbx_refine_tls.T[1][2]          0.0218 
_pdbx_refine_tls.T[1][3]          -0.0188 
_pdbx_refine_tls.T[2][3]          0.0029 
_pdbx_refine_tls.L[1][1]          5.7707 
_pdbx_refine_tls.L[2][2]          2.3345 
_pdbx_refine_tls.L[3][3]          2.1212 
_pdbx_refine_tls.L[1][2]          -0.7157 
_pdbx_refine_tls.L[1][3]          -1.9211 
_pdbx_refine_tls.L[2][3]          -1.4334 
_pdbx_refine_tls.S[1][1]          -0.0890 
_pdbx_refine_tls.S[1][2]          -0.0406 
_pdbx_refine_tls.S[1][3]          0.1242 
_pdbx_refine_tls.S[2][1]          0.2610 
_pdbx_refine_tls.S[2][2]          -0.0101 
_pdbx_refine_tls.S[2][3]          -0.1674 
_pdbx_refine_tls.S[3][1]          -0.0958 
_pdbx_refine_tls.S[3][2]          0.2309 
_pdbx_refine_tls.S[3][3]          0.1950 
# 
_pdbx_refine_tls_group.pdbx_refine_id      'X-RAY DIFFRACTION' 
_pdbx_refine_tls_group.id                  1 
_pdbx_refine_tls_group.refine_tls_id       1 
_pdbx_refine_tls_group.beg_auth_asym_id    ? 
_pdbx_refine_tls_group.beg_auth_seq_id     ? 
_pdbx_refine_tls_group.beg_label_asym_id   ? 
_pdbx_refine_tls_group.beg_label_seq_id    ? 
_pdbx_refine_tls_group.end_auth_asym_id    ? 
_pdbx_refine_tls_group.end_auth_seq_id     ? 
_pdbx_refine_tls_group.end_label_asym_id   ? 
_pdbx_refine_tls_group.end_label_seq_id    ? 
_pdbx_refine_tls_group.selection           ? 
_pdbx_refine_tls_group.selection_details   
;chain 'A' and (resid 1 through 16 )
;
# 
loop_
_chem_comp_atom.comp_id 
_chem_comp_atom.atom_id 
_chem_comp_atom.type_symbol 
_chem_comp_atom.pdbx_aromatic_flag 
_chem_comp_atom.pdbx_stereo_config 
_chem_comp_atom.pdbx_ordinal 
ALA N    N  N N 1   
ALA CA   C  N S 2   
ALA C    C  N N 3   
ALA O    O  N N 4   
ALA CB   C  N N 5   
ALA OXT  O  N N 6   
ALA H    H  N N 7   
ALA H2   H  N N 8   
ALA HA   H  N N 9   
ALA HB1  H  N N 10  
ALA HB2  H  N N 11  
ALA HB3  H  N N 12  
ALA HXT  H  N N 13  
FLC CAC  C  N N 14  
FLC CA   C  N N 15  
FLC CB   C  N N 16  
FLC CBC  C  N N 17  
FLC CG   C  N N 18  
FLC CGC  C  N N 19  
FLC OA1  O  N N 20  
FLC OA2  O  N N 21  
FLC OB1  O  N N 22  
FLC OB2  O  N N 23  
FLC OG1  O  N N 24  
FLC OG2  O  N N 25  
FLC OHB  O  N N 26  
FLC HA1  H  N N 27  
FLC HA2  H  N N 28  
FLC HG1  H  N N 29  
FLC HG2  H  N N 30  
FLC HOB  H  N N 31  
GLN N    N  N N 32  
GLN CA   C  N S 33  
GLN C    C  N N 34  
GLN O    O  N N 35  
GLN CB   C  N N 36  
GLN CG   C  N N 37  
GLN CD   C  N N 38  
GLN OE1  O  N N 39  
GLN NE2  N  N N 40  
GLN OXT  O  N N 41  
GLN H    H  N N 42  
GLN H2   H  N N 43  
GLN HA   H  N N 44  
GLN HB2  H  N N 45  
GLN HB3  H  N N 46  
GLN HG2  H  N N 47  
GLN HG3  H  N N 48  
GLN HE21 H  N N 49  
GLN HE22 H  N N 50  
GLN HXT  H  N N 51  
HOH O    O  N N 52  
HOH H1   H  N N 53  
HOH H2   H  N N 54  
ILE N    N  N N 55  
ILE CA   C  N S 56  
ILE C    C  N N 57  
ILE O    O  N N 58  
ILE CB   C  N S 59  
ILE CG1  C  N N 60  
ILE CG2  C  N N 61  
ILE CD1  C  N N 62  
ILE OXT  O  N N 63  
ILE H    H  N N 64  
ILE H2   H  N N 65  
ILE HA   H  N N 66  
ILE HB   H  N N 67  
ILE HG12 H  N N 68  
ILE HG13 H  N N 69  
ILE HG21 H  N N 70  
ILE HG22 H  N N 71  
ILE HG23 H  N N 72  
ILE HD11 H  N N 73  
ILE HD12 H  N N 74  
ILE HD13 H  N N 75  
ILE HXT  H  N N 76  
LEU N    N  N N 77  
LEU CA   C  N S 78  
LEU C    C  N N 79  
LEU O    O  N N 80  
LEU CB   C  N N 81  
LEU CG   C  N N 82  
LEU CD1  C  N N 83  
LEU CD2  C  N N 84  
LEU OXT  O  N N 85  
LEU H    H  N N 86  
LEU H2   H  N N 87  
LEU HA   H  N N 88  
LEU HB2  H  N N 89  
LEU HB3  H  N N 90  
LEU HG   H  N N 91  
LEU HD11 H  N N 92  
LEU HD12 H  N N 93  
LEU HD13 H  N N 94  
LEU HD21 H  N N 95  
LEU HD22 H  N N 96  
LEU HD23 H  N N 97  
LEU HXT  H  N N 98  
LYS N    N  N N 99  
LYS CA   C  N S 100 
LYS C    C  N N 101 
LYS O    O  N N 102 
LYS CB   C  N N 103 
LYS CG   C  N N 104 
LYS CD   C  N N 105 
LYS CE   C  N N 106 
LYS NZ   N  N N 107 
LYS OXT  O  N N 108 
LYS H    H  N N 109 
LYS H2   H  N N 110 
LYS HA   H  N N 111 
LYS HB2  H  N N 112 
LYS HB3  H  N N 113 
LYS HG2  H  N N 114 
LYS HG3  H  N N 115 
LYS HD2  H  N N 116 
LYS HD3  H  N N 117 
LYS HE2  H  N N 118 
LYS HE3  H  N N 119 
LYS HZ1  H  N N 120 
LYS HZ2  H  N N 121 
LYS HZ3  H  N N 122 
LYS HXT  H  N N 123 
MET N    N  N N 124 
MET CA   C  N S 125 
MET C    C  N N 126 
MET O    O  N N 127 
MET CB   C  N N 128 
MET CG   C  N N 129 
MET SD   S  N N 130 
MET CE   C  N N 131 
MET OXT  O  N N 132 
MET H    H  N N 133 
MET H2   H  N N 134 
MET HA   H  N N 135 
MET HB2  H  N N 136 
MET HB3  H  N N 137 
MET HG2  H  N N 138 
MET HG3  H  N N 139 
MET HE1  H  N N 140 
MET HE2  H  N N 141 
MET HE3  H  N N 142 
MET HXT  H  N N 143 
NA  NA   NA N N 144 
ORN N    N  N N 145 
ORN CA   C  N S 146 
ORN CB   C  N N 147 
ORN CG   C  N N 148 
ORN CD   C  N N 149 
ORN NE   N  N N 150 
ORN C    C  N N 151 
ORN O    O  N N 152 
ORN OXT  O  N N 153 
ORN H    H  N N 154 
ORN H2   H  N N 155 
ORN HA   H  N N 156 
ORN HB2  H  N N 157 
ORN HB3  H  N N 158 
ORN HG2  H  N N 159 
ORN HG3  H  N N 160 
ORN HD2  H  N N 161 
ORN HD3  H  N N 162 
ORN HE1  H  N N 163 
ORN HE2  H  N N 164 
ORN HXT  H  N N 165 
PHE N    N  N N 166 
PHE CA   C  N S 167 
PHE C    C  N N 168 
PHE O    O  N N 169 
PHE CB   C  N N 170 
PHE CG   C  Y N 171 
PHE CD1  C  Y N 172 
PHE CD2  C  Y N 173 
PHE CE1  C  Y N 174 
PHE CE2  C  Y N 175 
PHE CZ   C  Y N 176 
PHE OXT  O  N N 177 
PHE H    H  N N 178 
PHE H2   H  N N 179 
PHE HA   H  N N 180 
PHE HB2  H  N N 181 
PHE HB3  H  N N 182 
PHE HD1  H  N N 183 
PHE HD2  H  N N 184 
PHE HE1  H  N N 185 
PHE HE2  H  N N 186 
PHE HZ   H  N N 187 
PHE HXT  H  N N 188 
PHI N    N  N N 189 
PHI CA   C  N S 190 
PHI CB   C  N N 191 
PHI CG   C  Y N 192 
PHI CD1  C  Y N 193 
PHI CD2  C  Y N 194 
PHI CE1  C  Y N 195 
PHI CE2  C  Y N 196 
PHI CZ   C  Y N 197 
PHI I    I  N N 198 
PHI C    C  N N 199 
PHI O    O  N N 200 
PHI OXT  O  N N 201 
PHI H    H  N N 202 
PHI H2   H  N N 203 
PHI HA   H  N N 204 
PHI HB2  H  N N 205 
PHI HB3  H  N N 206 
PHI HD1  H  N N 207 
PHI HD2  H  N N 208 
PHI HE1  H  N N 209 
PHI HE2  H  N N 210 
PHI HXT  H  N N 211 
SAR N    N  N N 212 
SAR CA   C  N N 213 
SAR C    C  N N 214 
SAR O    O  N N 215 
SAR CN   C  N N 216 
SAR OXT  O  N N 217 
SAR H    H  N N 218 
SAR HA2  H  N N 219 
SAR HA3  H  N N 220 
SAR HN1  H  N N 221 
SAR HN2  H  N N 222 
SAR HN3  H  N N 223 
SAR HXT  H  N N 224 
VAL N    N  N N 225 
VAL CA   C  N S 226 
VAL C    C  N N 227 
VAL O    O  N N 228 
VAL CB   C  N N 229 
VAL CG1  C  N N 230 
VAL CG2  C  N N 231 
VAL OXT  O  N N 232 
VAL H    H  N N 233 
VAL H2   H  N N 234 
VAL HA   H  N N 235 
VAL HB   H  N N 236 
VAL HG11 H  N N 237 
VAL HG12 H  N N 238 
VAL HG13 H  N N 239 
VAL HG21 H  N N 240 
VAL HG22 H  N N 241 
VAL HG23 H  N N 242 
VAL HXT  H  N N 243 
# 
loop_
_chem_comp_bond.comp_id 
_chem_comp_bond.atom_id_1 
_chem_comp_bond.atom_id_2 
_chem_comp_bond.value_order 
_chem_comp_bond.pdbx_aromatic_flag 
_chem_comp_bond.pdbx_stereo_config 
_chem_comp_bond.pdbx_ordinal 
ALA N   CA   sing N N 1   
ALA N   H    sing N N 2   
ALA N   H2   sing N N 3   
ALA CA  C    sing N N 4   
ALA CA  CB   sing N N 5   
ALA CA  HA   sing N N 6   
ALA C   O    doub N N 7   
ALA C   OXT  sing N N 8   
ALA CB  HB1  sing N N 9   
ALA CB  HB2  sing N N 10  
ALA CB  HB3  sing N N 11  
ALA OXT HXT  sing N N 12  
FLC CAC CA   sing N N 13  
FLC CAC OA1  doub N N 14  
FLC CAC OA2  sing N N 15  
FLC CA  CB   sing N N 16  
FLC CA  HA1  sing N N 17  
FLC CA  HA2  sing N N 18  
FLC CB  CBC  sing N N 19  
FLC CB  CG   sing N N 20  
FLC CB  OHB  sing N N 21  
FLC CBC OB1  doub N N 22  
FLC CBC OB2  sing N N 23  
FLC CG  CGC  sing N N 24  
FLC CG  HG1  sing N N 25  
FLC CG  HG2  sing N N 26  
FLC CGC OG1  doub N N 27  
FLC CGC OG2  sing N N 28  
FLC OHB HOB  sing N N 29  
GLN N   CA   sing N N 30  
GLN N   H    sing N N 31  
GLN N   H2   sing N N 32  
GLN CA  C    sing N N 33  
GLN CA  CB   sing N N 34  
GLN CA  HA   sing N N 35  
GLN C   O    doub N N 36  
GLN C   OXT  sing N N 37  
GLN CB  CG   sing N N 38  
GLN CB  HB2  sing N N 39  
GLN CB  HB3  sing N N 40  
GLN CG  CD   sing N N 41  
GLN CG  HG2  sing N N 42  
GLN CG  HG3  sing N N 43  
GLN CD  OE1  doub N N 44  
GLN CD  NE2  sing N N 45  
GLN NE2 HE21 sing N N 46  
GLN NE2 HE22 sing N N 47  
GLN OXT HXT  sing N N 48  
HOH O   H1   sing N N 49  
HOH O   H2   sing N N 50  
ILE N   CA   sing N N 51  
ILE N   H    sing N N 52  
ILE N   H2   sing N N 53  
ILE CA  C    sing N N 54  
ILE CA  CB   sing N N 55  
ILE CA  HA   sing N N 56  
ILE C   O    doub N N 57  
ILE C   OXT  sing N N 58  
ILE CB  CG1  sing N N 59  
ILE CB  CG2  sing N N 60  
ILE CB  HB   sing N N 61  
ILE CG1 CD1  sing N N 62  
ILE CG1 HG12 sing N N 63  
ILE CG1 HG13 sing N N 64  
ILE CG2 HG21 sing N N 65  
ILE CG2 HG22 sing N N 66  
ILE CG2 HG23 sing N N 67  
ILE CD1 HD11 sing N N 68  
ILE CD1 HD12 sing N N 69  
ILE CD1 HD13 sing N N 70  
ILE OXT HXT  sing N N 71  
LEU N   CA   sing N N 72  
LEU N   H    sing N N 73  
LEU N   H2   sing N N 74  
LEU CA  C    sing N N 75  
LEU CA  CB   sing N N 76  
LEU CA  HA   sing N N 77  
LEU C   O    doub N N 78  
LEU C   OXT  sing N N 79  
LEU CB  CG   sing N N 80  
LEU CB  HB2  sing N N 81  
LEU CB  HB3  sing N N 82  
LEU CG  CD1  sing N N 83  
LEU CG  CD2  sing N N 84  
LEU CG  HG   sing N N 85  
LEU CD1 HD11 sing N N 86  
LEU CD1 HD12 sing N N 87  
LEU CD1 HD13 sing N N 88  
LEU CD2 HD21 sing N N 89  
LEU CD2 HD22 sing N N 90  
LEU CD2 HD23 sing N N 91  
LEU OXT HXT  sing N N 92  
LYS N   CA   sing N N 93  
LYS N   H    sing N N 94  
LYS N   H2   sing N N 95  
LYS CA  C    sing N N 96  
LYS CA  CB   sing N N 97  
LYS CA  HA   sing N N 98  
LYS C   O    doub N N 99  
LYS C   OXT  sing N N 100 
LYS CB  CG   sing N N 101 
LYS CB  HB2  sing N N 102 
LYS CB  HB3  sing N N 103 
LYS CG  CD   sing N N 104 
LYS CG  HG2  sing N N 105 
LYS CG  HG3  sing N N 106 
LYS CD  CE   sing N N 107 
LYS CD  HD2  sing N N 108 
LYS CD  HD3  sing N N 109 
LYS CE  NZ   sing N N 110 
LYS CE  HE2  sing N N 111 
LYS CE  HE3  sing N N 112 
LYS NZ  HZ1  sing N N 113 
LYS NZ  HZ2  sing N N 114 
LYS NZ  HZ3  sing N N 115 
LYS OXT HXT  sing N N 116 
MET N   CA   sing N N 117 
MET N   H    sing N N 118 
MET N   H2   sing N N 119 
MET CA  C    sing N N 120 
MET CA  CB   sing N N 121 
MET CA  HA   sing N N 122 
MET C   O    doub N N 123 
MET C   OXT  sing N N 124 
MET CB  CG   sing N N 125 
MET CB  HB2  sing N N 126 
MET CB  HB3  sing N N 127 
MET CG  SD   sing N N 128 
MET CG  HG2  sing N N 129 
MET CG  HG3  sing N N 130 
MET SD  CE   sing N N 131 
MET CE  HE1  sing N N 132 
MET CE  HE2  sing N N 133 
MET CE  HE3  sing N N 134 
MET OXT HXT  sing N N 135 
ORN N   CA   sing N N 136 
ORN N   H    sing N N 137 
ORN N   H2   sing N N 138 
ORN CA  CB   sing N N 139 
ORN CA  C    sing N N 140 
ORN CA  HA   sing N N 141 
ORN CB  CG   sing N N 142 
ORN CB  HB2  sing N N 143 
ORN CB  HB3  sing N N 144 
ORN CG  CD   sing N N 145 
ORN CG  HG2  sing N N 146 
ORN CG  HG3  sing N N 147 
ORN CD  NE   sing N N 148 
ORN CD  HD2  sing N N 149 
ORN CD  HD3  sing N N 150 
ORN NE  HE1  sing N N 151 
ORN NE  HE2  sing N N 152 
ORN C   O    doub N N 153 
ORN C   OXT  sing N N 154 
ORN OXT HXT  sing N N 155 
PHE N   CA   sing N N 156 
PHE N   H    sing N N 157 
PHE N   H2   sing N N 158 
PHE CA  C    sing N N 159 
PHE CA  CB   sing N N 160 
PHE CA  HA   sing N N 161 
PHE C   O    doub N N 162 
PHE C   OXT  sing N N 163 
PHE CB  CG   sing N N 164 
PHE CB  HB2  sing N N 165 
PHE CB  HB3  sing N N 166 
PHE CG  CD1  doub Y N 167 
PHE CG  CD2  sing Y N 168 
PHE CD1 CE1  sing Y N 169 
PHE CD1 HD1  sing N N 170 
PHE CD2 CE2  doub Y N 171 
PHE CD2 HD2  sing N N 172 
PHE CE1 CZ   doub Y N 173 
PHE CE1 HE1  sing N N 174 
PHE CE2 CZ   sing Y N 175 
PHE CE2 HE2  sing N N 176 
PHE CZ  HZ   sing N N 177 
PHE OXT HXT  sing N N 178 
PHI N   CA   sing N N 179 
PHI N   H    sing N N 180 
PHI N   H2   sing N N 181 
PHI CA  CB   sing N N 182 
PHI CA  C    sing N N 183 
PHI CA  HA   sing N N 184 
PHI CB  CG   sing N N 185 
PHI CB  HB2  sing N N 186 
PHI CB  HB3  sing N N 187 
PHI CG  CD1  doub Y N 188 
PHI CG  CD2  sing Y N 189 
PHI CD1 CE1  sing Y N 190 
PHI CD1 HD1  sing N N 191 
PHI CD2 CE2  doub Y N 192 
PHI CD2 HD2  sing N N 193 
PHI CE1 CZ   doub Y N 194 
PHI CE1 HE1  sing N N 195 
PHI CE2 CZ   sing Y N 196 
PHI CE2 HE2  sing N N 197 
PHI CZ  I    sing N N 198 
PHI C   O    doub N N 199 
PHI C   OXT  sing N N 200 
PHI OXT HXT  sing N N 201 
SAR N   CA   sing N N 202 
SAR N   CN   sing N N 203 
SAR N   H    sing N N 204 
SAR CA  C    sing N N 205 
SAR CA  HA2  sing N N 206 
SAR CA  HA3  sing N N 207 
SAR C   O    doub N N 208 
SAR C   OXT  sing N N 209 
SAR CN  HN1  sing N N 210 
SAR CN  HN2  sing N N 211 
SAR CN  HN3  sing N N 212 
SAR OXT HXT  sing N N 213 
VAL N   CA   sing N N 214 
VAL N   H    sing N N 215 
VAL N   H2   sing N N 216 
VAL CA  C    sing N N 217 
VAL CA  CB   sing N N 218 
VAL CA  HA   sing N N 219 
VAL C   O    doub N N 220 
VAL C   OXT  sing N N 221 
VAL CB  CG1  sing N N 222 
VAL CB  CG2  sing N N 223 
VAL CB  HB   sing N N 224 
VAL CG1 HG11 sing N N 225 
VAL CG1 HG12 sing N N 226 
VAL CG1 HG13 sing N N 227 
VAL CG2 HG21 sing N N 228 
VAL CG2 HG22 sing N N 229 
VAL CG2 HG23 sing N N 230 
VAL OXT HXT  sing N N 231 
# 
_pdbx_audit_support.funding_organization   
'National Institutes of Health/National Institute of General Medical Sciences (NIH/NIGMS)' 
_pdbx_audit_support.country                'United States' 
_pdbx_audit_support.grant_number           GM097562 
_pdbx_audit_support.ordinal                1 
# 
_atom_sites.entry_id                    5V64 
_atom_sites.fract_transf_matrix[1][1]   -0.00573128 
_atom_sites.fract_transf_matrix[1][2]   -0.02723998 
_atom_sites.fract_transf_matrix[1][3]   0.04050751 
_atom_sites.fract_transf_matrix[2][1]   -0.02702408 
_atom_sites.fract_transf_matrix[2][2]   0.03192334 
_atom_sites.fract_transf_matrix[2][3]   0.01764385 
_atom_sites.fract_transf_matrix[3][1]   -0.02515984 
_atom_sites.fract_transf_matrix[3][2]   -0.01409312 
_atom_sites.fract_transf_matrix[3][3]   -0.01303695 
_atom_sites.fract_transf_vector[1]      0.296831 
_atom_sites.fract_transf_vector[2]      0.627287 
_atom_sites.fract_transf_vector[3]      0.397169 
# 
loop_
_atom_type.symbol 
C  
H  
I  
N  
NA 
O  
S  
# 
loop_
_atom_site.group_PDB 
_atom_site.id 
_atom_site.type_symbol 
_atom_site.label_atom_id 
_atom_site.label_alt_id 
_atom_site.label_comp_id 
_atom_site.label_asym_id 
_atom_site.label_entity_id 
_atom_site.label_seq_id 
_atom_site.pdbx_PDB_ins_code 
_atom_site.Cartn_x 
_atom_site.Cartn_y 
_atom_site.Cartn_z 
_atom_site.occupancy 
_atom_site.B_iso_or_equiv 
_atom_site.pdbx_formal_charge 
_atom_site.auth_seq_id 
_atom_site.auth_comp_id 
_atom_site.auth_asym_id 
_atom_site.auth_atom_id 
_atom_site.pdbx_PDB_model_num 
HETATM 1   N  N    . ORN A 1 1  ? 13.064  5.233   3.552   1.00 30.39  1 1   ORN A N    1 
HETATM 2   C  CA   . ORN A 1 1  ? 12.003  4.989   2.560   1.00 25.60  ? 1   ORN A CA   1 
HETATM 3   C  CB   . ORN A 1 1  ? 11.734  3.486   2.436   1.00 22.71  ? 1   ORN A CB   1 
HETATM 4   C  CG   . ORN A 1 1  ? 12.873  2.725   1.718   1.00 22.88  ? 1   ORN A CG   1 
HETATM 5   C  CD   . ORN A 1 1  ? 12.674  2.585   0.186   1.00 20.95  ? 1   ORN A CD   1 
HETATM 6   N  NE   . ORN A 1 1  ? 11.399  1.974   -0.133  1.00 23.48  ? 1   ORN A NE   1 
HETATM 7   C  C    . ORN A 1 1  ? 10.713  5.745   2.953   1.00 31.69  ? 1   ORN A C    1 
HETATM 8   O  O    . ORN A 1 1  ? 10.631  6.381   4.006   1.00 35.62  ? 1   ORN A O    1 
HETATM 9   H  H1   . ORN A 1 1  ? 13.135  6.214   3.834   1.00 36.47  1 1   ORN A H1   1 
HETATM 10  H  H2   . ORN A 1 1  ? 12.933  4.711   4.421   1.00 36.47  1 1   ORN A H2   1 
HETATM 11  H  H3   . ORN A 1 1  ? 13.997  4.977   3.219   1.00 36.47  1 1   ORN A H3   1 
HETATM 12  H  HA   . ORN A 1 1  ? 12.367  5.425   1.625   1.00 30.72  ? 1   ORN A HA   1 
HETATM 13  H  HB2  . ORN A 1 1  ? 11.587  3.045   3.432   1.00 27.25  ? 1   ORN A HB2  1 
HETATM 14  H  HB3  . ORN A 1 1  ? 10.830  3.359   1.825   1.00 27.25  ? 1   ORN A HB3  1 
HETATM 15  H  HG2  . ORN A 1 1  ? 12.951  1.721   2.151   1.00 27.46  ? 1   ORN A HG2  1 
HETATM 16  H  HG3  . ORN A 1 1  ? 13.815  3.255   1.903   1.00 27.46  ? 1   ORN A HG3  1 
HETATM 17  H  HD2  . ORN A 1 1  ? 13.470  1.950   -0.211  1.00 25.15  ? 1   ORN A HD2  1 
HETATM 18  H  HD3  . ORN A 1 1  ? 12.714  3.582   -0.267  1.00 25.15  ? 1   ORN A HD3  1 
HETATM 19  H  HE1  . ORN A 1 1  ? 11.381  0.957   -0.113  1.00 28.17  ? 1   ORN A HE1  1 
ATOM   20  N  N    . GLN A 1 2  ? 9.680   5.663   2.052   1.00 32.69  ? 2   GLN A N    1 
ATOM   21  C  CA   . GLN A 1 2  ? 8.406   6.336   2.271   1.00 33.69  ? 2   GLN A CA   1 
ATOM   22  C  C    . GLN A 1 2  ? 7.240   5.382   2.053   1.00 28.26  ? 2   GLN A C    1 
ATOM   23  O  O    . GLN A 1 2  ? 7.314   4.478   1.224   1.00 25.76  ? 2   GLN A O    1 
ATOM   24  C  CB   . GLN A 1 2  ? 8.300   7.554   1.344   1.00 35.93  ? 2   GLN A CB   1 
ATOM   25  C  CG   . GLN A 1 2  ? 6.916   7.828   0.782   1.00 36.22  ? 2   GLN A CG   1 
ATOM   26  C  CD   . GLN A 1 2  ? 6.869   9.121   -0.006  1.00 39.15  ? 2   GLN A CD   1 
ATOM   27  O  OE1  . GLN A 1 2  ? 7.879   9.813   -0.146  1.00 38.49  ? 2   GLN A OE1  1 
ATOM   28  N  NE2  . GLN A 1 2  ? 5.692   9.457   -0.526  1.00 37.48  ? 2   GLN A NE2  1 
ATOM   29  H  H    . GLN A 1 2  ? 9.722   5.231   1.310   1.00 39.23  ? 2   GLN A H    1 
ATOM   30  H  HA   . GLN A 1 2  ? 8.368   6.651   3.187   1.00 40.43  ? 2   GLN A HA   1 
ATOM   31  H  HB2  . GLN A 1 2  ? 8.574   8.341   1.840   1.00 43.11  ? 2   GLN A HB2  1 
ATOM   32  H  HB3  . GLN A 1 2  ? 8.897   7.420   0.593   1.00 43.11  ? 2   GLN A HB3  1 
ATOM   33  H  HG2  . GLN A 1 2  ? 6.663   7.103   0.190   1.00 43.47  ? 2   GLN A HG2  1 
ATOM   34  H  HG3  . GLN A 1 2  ? 6.284   7.897   1.515   1.00 43.47  ? 2   GLN A HG3  1 
ATOM   35  H  HE21 . GLN A 1 2  ? 5.008   8.950   -0.406  1.00 44.98  ? 2   GLN A HE21 1 
ATOM   36  H  HE22 . GLN A 1 2  ? 5.615   10.183  -0.982  1.00 44.98  ? 2   GLN A HE22 1 
ATOM   37  N  N    . LYS A 1 3  ? 6.163   5.586   2.803   1.00 26.63  ? 3   LYS A N    1 
ATOM   38  C  CA   . LYS A 1 3  ? 4.994   4.726   2.697   1.00 22.90  ? 3   LYS A CA   1 
ATOM   39  C  C    . LYS A 1 3  ? 4.153   5.055   1.471   1.00 20.52  ? 3   LYS A C    1 
ATOM   40  O  O    . LYS A 1 3  ? 3.869   6.221   1.191   1.00 21.07  ? 3   LYS A O    1 
ATOM   41  C  CB   . LYS A 1 3  ? 4.127   4.827   3.953   1.00 24.19  ? 3   LYS A CB   1 
ATOM   42  C  CG   . LYS A 1 3  ? 2.832   4.023   3.854   1.00 17.66  ? 3   LYS A CG   1 
ATOM   43  C  CD   . LYS A 1 3  ? 2.432   3.415   5.187   1.00 19.23  ? 3   LYS A CD   1 
ATOM   44  C  CE   . LYS A 1 3  ? 1.652   4.395   6.045   1.00 18.39  ? 3   LYS A CE   1 
ATOM   45  N  NZ   . LYS A 1 3  ? 1.661   3.985   7.471   1.00 20.94  ? 3   LYS A NZ   1 
ATOM   46  H  H    . LYS A 1 3  ? 6.086   6.217   3.382   1.00 31.96  ? 3   LYS A H    1 
ATOM   47  H  HA   . LYS A 1 3  ? 5.289   3.805   2.615   1.00 27.48  ? 3   LYS A HA   1 
ATOM   48  H  HB2  . LYS A 1 3  ? 4.629   4.492   4.712   1.00 29.03  ? 3   LYS A HB2  1 
ATOM   49  H  HB3  . LYS A 1 3  ? 3.889   5.757   4.097   1.00 29.03  ? 3   LYS A HB3  1 
ATOM   50  H  HG2  . LYS A 1 3  ? 2.116   4.607   3.561   1.00 21.20  ? 3   LYS A HG2  1 
ATOM   51  H  HG3  . LYS A 1 3  ? 2.955   3.301   3.217   1.00 21.20  ? 3   LYS A HG3  1 
ATOM   52  H  HD2  . LYS A 1 3  ? 1.871   2.639   5.028   1.00 23.07  ? 3   LYS A HD2  1 
ATOM   53  H  HD3  . LYS A 1 3  ? 3.231   3.156   5.673   1.00 23.07  ? 3   LYS A HD3  1 
ATOM   54  H  HE2  . LYS A 1 3  ? 2.058   5.273   5.977   1.00 22.07  ? 3   LYS A HE2  1 
ATOM   55  H  HE3  . LYS A 1 3  ? 0.731   4.425   5.742   1.00 22.07  ? 3   LYS A HE3  1 
ATOM   56  H  HZ1  . LYS A 1 3  ? 1.291   3.181   7.559   1.00 25.13  ? 3   LYS A HZ1  1 
ATOM   57  H  HZ2  . LYS A 1 3  ? 2.498   3.953   7.772   1.00 25.13  ? 3   LYS A HZ2  1 
ATOM   58  H  HZ3  . LYS A 1 3  ? 1.200   4.571   7.957   1.00 25.13  ? 3   LYS A HZ3  1 
ATOM   59  N  N    . LEU A 1 4  ? 3.769   4.009   0.749   1.00 14.23  ? 4   LEU A N    1 
ATOM   60  C  CA   . LEU A 1 4  ? 2.866   4.120   -0.389  1.00 13.33  ? 4   LEU A CA   1 
ATOM   61  C  C    . LEU A 1 4  ? 1.668   3.197   -0.193  1.00 12.30  ? 4   LEU A C    1 
ATOM   62  O  O    . LEU A 1 4  ? 1.833   2.004   0.046   1.00 11.88  ? 4   LEU A O    1 
ATOM   63  C  CB   . LEU A 1 4  ? 3.585   3.766   -1.689  1.00 19.14  ? 4   LEU A CB   1 
ATOM   64  C  CG   . LEU A 1 4  ? 2.715   3.886   -2.941  1.00 13.48  ? 4   LEU A CG   1 
ATOM   65  C  CD1  . LEU A 1 4  ? 2.556   5.342   -3.341  1.00 15.67  ? 4   LEU A CD1  1 
ATOM   66  C  CD2  . LEU A 1 4  ? 3.302   3.085   -4.062  1.00 14.55  ? 4   LEU A CD2  1 
ATOM   67  H  H    . LEU A 1 4  ? 4.026   3.203   0.903   1.00 17.08  ? 4   LEU A H    1 
ATOM   68  H  HA   . LEU A 1 4  ? 2.542   5.032   -0.456  1.00 15.99  ? 4   LEU A HA   1 
ATOM   69  H  HB2  . LEU A 1 4  ? 4.343   4.362   -1.797  1.00 22.96  ? 4   LEU A HB2  1 
ATOM   70  H  HB3  . LEU A 1 4  ? 3.896   2.849   -1.633  1.00 22.96  ? 4   LEU A HB3  1 
ATOM   71  H  HG   . LEU A 1 4  ? 1.834   3.531   -2.748  1.00 16.17  ? 4   LEU A HG   1 
ATOM   72  H  HD11 . LEU A 1 4  ? 2.002   5.392   -4.136  1.00 18.81  ? 4   LEU A HD11 1 
ATOM   73  H  HD12 . LEU A 1 4  ? 2.136   5.825   -2.613  1.00 18.81  ? 4   LEU A HD12 1 
ATOM   74  H  HD13 . LEU A 1 4  ? 3.433   5.716   -3.525  1.00 18.81  ? 4   LEU A HD13 1 
ATOM   75  H  HD21 . LEU A 1 4  ? 2.736   3.175   -4.845  1.00 17.46  ? 4   LEU A HD21 1 
ATOM   76  H  HD22 . LEU A 1 4  ? 4.192   3.419   -4.256  1.00 17.46  ? 4   LEU A HD22 1 
ATOM   77  H  HD23 . LEU A 1 4  ? 3.349   2.154   -3.793  1.00 17.46  ? 4   LEU A HD23 1 
ATOM   78  N  N    . VAL A 1 5  ? 0.468   3.756   -0.308  1.00 12.84  ? 5   VAL A N    1 
ATOM   79  C  CA   . VAL A 1 5  ? -0.757  3.001   -0.079  1.00 13.86  ? 5   VAL A CA   1 
ATOM   80  C  C    . VAL A 1 5  ? -1.437  2.627   -1.390  1.00 13.79  ? 5   VAL A C    1 
ATOM   81  O  O    . VAL A 1 5  ? -1.521  3.440   -2.308  1.00 11.33  ? 5   VAL A O    1 
ATOM   82  C  CB   . VAL A 1 5  ? -1.749  3.800   0.792   1.00 13.02  ? 5   VAL A CB   1 
ATOM   83  C  CG1  . VAL A 1 5  ? -3.004  2.985   1.071   1.00 11.38  ? 5   VAL A CG1  1 
ATOM   84  C  CG2  . VAL A 1 5  ? -1.090  4.214   2.091   1.00 12.93  ? 5   VAL A CG2  1 
ATOM   85  H  H    . VAL A 1 5  ? 0.335   4.579   -0.520  1.00 15.40  ? 5   VAL A H    1 
ATOM   86  H  HA   . VAL A 1 5  ? -0.538  2.181   0.390   1.00 16.63  ? 5   VAL A HA   1 
ATOM   87  H  HB   . VAL A 1 5  ? -2.011  4.604   0.318   1.00 15.63  ? 5   VAL A HB   1 
ATOM   88  H  HG11 . VAL A 1 5  ? -3.606  3.511   1.619   1.00 13.66  ? 5   VAL A HG11 1 
ATOM   89  H  HG12 . VAL A 1 5  ? -3.430  2.764   0.228   1.00 13.66  ? 5   VAL A HG12 1 
ATOM   90  H  HG13 . VAL A 1 5  ? -2.756  2.173   1.539   1.00 13.66  ? 5   VAL A HG13 1 
ATOM   91  H  HG21 . VAL A 1 5  ? -1.729  4.714   2.624   1.00 15.51  ? 5   VAL A HG21 1 
ATOM   92  H  HG22 . VAL A 1 5  ? -0.809  3.418   2.571   1.00 15.51  ? 5   VAL A HG22 1 
ATOM   93  H  HG23 . VAL A 1 5  ? -0.319  4.769   1.891   1.00 15.51  ? 5   VAL A HG23 1 
HETATM 94  N  N    . PHI A 1 6  ? -1.926  1.394   -1.477  1.00 12.97  ? 6   PHI A N    1 
HETATM 95  C  CA   . PHI A 1 6  ? -2.686  0.955   -2.645  1.00 11.11  ? 6   PHI A CA   1 
HETATM 96  C  CB   . PHI A 1 6  ? -1.716  0.496   -3.776  1.00 10.77  ? 6   PHI A CB   1 
HETATM 97  C  CG   . PHI A 1 6  ? -0.927  -0.811  -3.468  1.00 10.71  ? 6   PHI A CG   1 
HETATM 98  C  CD1  . PHI A 1 6  ? -1.329  -2.062  -4.101  1.00 11.12  ? 6   PHI A CD1  1 
HETATM 99  C  CD2  . PHI A 1 6  ? 0.172   -0.801  -2.640  1.00 10.70  ? 6   PHI A CD2  1 
HETATM 100 C  CE1  . PHI A 1 6  ? -0.638  -3.213  -3.863  1.00 11.41  ? 6   PHI A CE1  1 
HETATM 101 C  CE2  . PHI A 1 6  ? 0.868   -1.960  -2.399  1.00 10.90  ? 6   PHI A CE2  1 
HETATM 102 C  CZ   . PHI A 1 6  ? 0.462   -3.205  -3.021  1.00 12.27  ? 6   PHI A CZ   1 
HETATM 103 I  I    . PHI A 1 6  ? 1.530   -5.007  -2.659  1.00 12.20  ? 6   PHI A I    1 
HETATM 104 C  C    . PHI A 1 6  ? -3.686  -0.103  -2.293  1.00 10.41  ? 6   PHI A C    1 
HETATM 105 O  O    . PHI A 1 6  ? -3.653  -0.695  -1.150  1.00 11.80  ? 6   PHI A O    1 
HETATM 106 H  H    . PHI A 1 6  ? -1.841  0.708   -0.835  1.00 15.56  ? 6   PHI A H    1 
HETATM 107 H  HA   . PHI A 1 6  ? -3.177  1.719   -2.976  1.00 13.34  ? 6   PHI A HA   1 
HETATM 108 H  HB2  . PHI A 1 6  ? -1.106  1.177   -3.929  1.00 12.93  ? 6   PHI A HB2  1 
HETATM 109 H  HB3  . PHI A 1 6  ? -2.231  0.358   -4.570  1.00 12.93  ? 6   PHI A HB3  1 
HETATM 110 H  HD1  . PHI A 1 6  ? -2.090  -2.076  -4.689  1.00 13.34  ? 6   PHI A HD1  1 
HETATM 111 H  HD2  . PHI A 1 6  ? 0.471   0.079   -2.194  1.00 12.84  ? 6   PHI A HD2  1 
HETATM 112 H  HE1  . PHI A 1 6  ? -0.928  -4.069  -4.299  1.00 13.69  ? 6   PHI A HE1  1 
HETATM 113 H  HE2  . PHI A 1 6  ? 1.697   -1.944  -1.762  1.00 13.08  ? 6   PHI A HE2  1 
ATOM   114 N  N    . PHE A 1 7  ? -4.594  -0.360  -3.228  1.00 18.17  ? 7   PHE A N    1 
ATOM   115 C  CA   . PHE A 1 7  ? -5.681  -1.321  -3.050  1.00 26.84  ? 7   PHE A CA   1 
ATOM   116 C  C    . PHE A 1 7  ? -5.458  -2.558  -3.920  1.00 30.50  ? 7   PHE A C    1 
ATOM   117 O  O    . PHE A 1 7  ? -5.134  -2.439  -5.100  1.00 40.62  ? 7   PHE A O    1 
ATOM   118 C  CB   . PHE A 1 7  ? -7.019  -0.657  -3.391  1.00 17.88  ? 7   PHE A CB   1 
ATOM   119 C  CG   . PHE A 1 7  ? -8.205  -1.572  -3.279  1.00 14.58  ? 7   PHE A CG   1 
ATOM   120 C  CD1  . PHE A 1 7  ? -8.607  -2.058  -2.048  1.00 12.78  ? 7   PHE A CD1  1 
ATOM   121 C  CD2  . PHE A 1 7  ? -8.931  -1.927  -4.403  1.00 13.26  ? 7   PHE A CD2  1 
ATOM   122 C  CE1  . PHE A 1 7  ? -9.700  -2.892  -1.940  1.00 15.09  ? 7   PHE A CE1  1 
ATOM   123 C  CE2  . PHE A 1 7  ? -10.029 -2.765  -4.299  1.00 15.56  ? 7   PHE A CE2  1 
ATOM   124 C  CZ   . PHE A 1 7  ? -10.413 -3.247  -3.065  1.00 14.83  ? 7   PHE A CZ   1 
ATOM   125 H  H    . PHE A 1 7  ? -4.602  0.021   -4.000  1.00 21.81  ? 7   PHE A H    1 
ATOM   126 H  HA   . PHE A 1 7  ? -5.708  -1.602  -2.122  1.00 32.20  ? 7   PHE A HA   1 
ATOM   127 H  HB2  . PHE A 1 7  ? -7.161  0.086   -2.784  1.00 21.45  ? 7   PHE A HB2  1 
ATOM   128 H  HB3  . PHE A 1 7  ? -6.982  -0.332  -4.304  1.00 21.45  ? 7   PHE A HB3  1 
ATOM   129 H  HD1  . PHE A 1 7  ? -8.131  -1.825  -1.284  1.00 15.34  ? 7   PHE A HD1  1 
ATOM   130 H  HD2  . PHE A 1 7  ? -8.675  -1.605  -5.236  1.00 15.91  ? 7   PHE A HD2  1 
ATOM   131 H  HE1  . PHE A 1 7  ? -9.957  -3.216  -1.106  1.00 18.11  ? 7   PHE A HE1  1 
ATOM   132 H  HE2  . PHE A 1 7  ? -10.507 -3.001  -5.062  1.00 18.67  ? 7   PHE A HE2  1 
ATOM   133 H  HZ   . PHE A 1 7  ? -11.150 -3.810  -2.992  1.00 17.79  ? 7   PHE A HZ   1 
ATOM   134 N  N    . ALA A 1 8  ? -5.626  -3.741  -3.331  1.00 21.33  ? 8   ALA A N    1 
ATOM   135 C  CA   . ALA A 1 8  ? -5.441  -4.993  -4.063  1.00 16.17  ? 8   ALA A CA   1 
ATOM   136 C  C    . ALA A 1 8  ? -6.316  -6.108  -3.497  1.00 15.15  ? 8   ALA A C    1 
ATOM   137 O  O    . ALA A 1 8  ? -6.126  -6.550  -2.364  1.00 20.17  ? 8   ALA A O    1 
ATOM   138 C  CB   . ALA A 1 8  ? -3.979  -5.409  -4.038  1.00 13.40  ? 8   ALA A CB   1 
ATOM   139 H  H    . ALA A 1 8  ? -5.847  -3.846  -2.507  1.00 25.60  ? 8   ALA A H    1 
ATOM   140 H  HA   . ALA A 1 8  ? -5.696  -4.855  -4.989  1.00 19.41  ? 8   ALA A HA   1 
ATOM   141 H  HB1  . ALA A 1 8  ? -3.879  -6.241  -4.529  1.00 16.08  ? 8   ALA A HB1  1 
ATOM   142 H  HB2  . ALA A 1 8  ? -3.446  -4.713  -4.455  1.00 16.08  ? 8   ALA A HB2  1 
ATOM   143 H  HB3  . ALA A 1 8  ? -3.702  -5.532  -3.117  1.00 16.08  ? 8   ALA A HB3  1 
HETATM 144 N  N    . ORN A 1 9  ? -10.306 -8.017  -0.464  1.00 24.17  1 9   ORN A N    1 
HETATM 145 C  CA   . ORN A 1 9  ? -9.059  -7.311  -0.839  1.00 18.90  ? 9   ORN A CA   1 
HETATM 146 C  CB   . ORN A 1 9  ? -9.319  -6.347  -2.006  1.00 21.70  ? 9   ORN A CB   1 
HETATM 147 C  CG   . ORN A 1 9  ? -9.528  -7.063  -3.352  1.00 22.79  ? 9   ORN A CG   1 
HETATM 148 C  CD   . ORN A 1 9  ? -8.216  -7.634  -3.936  1.00 21.45  ? 9   ORN A CD   1 
HETATM 149 N  NE   . ORN A 1 9  ? -7.306  -6.573  -4.333  1.00 18.00  ? 9   ORN A NE   1 
HETATM 150 C  C    . ORN A 1 9  ? -8.477  -6.555  0.375   1.00 19.07  ? 9   ORN A C    1 
HETATM 151 O  O    . ORN A 1 9  ? -8.931  -6.702  1.512   1.00 23.18  ? 9   ORN A O    1 
HETATM 152 H  H2   . ORN A 1 9  ? -11.112 -7.395  -0.377  1.00 29.00  1 9   ORN A H2   1 
HETATM 153 H  H    . ORN A 1 9  ? -10.241 -8.505  0.433   1.00 29.00  1 9   ORN A H    1 
HETATM 154 H  H3   . ORN A 1 9  ? -10.587 -8.731  -1.141  1.00 29.00  1 9   ORN A H3   1 
HETATM 155 H  HA   . ORN A 1 9  ? -8.345  -8.096  -1.104  1.00 22.69  ? 9   ORN A HA   1 
HETATM 156 H  HB2  . ORN A 1 9  ? -10.202 -5.727  -1.794  1.00 26.03  ? 9   ORN A HB2  1 
HETATM 157 H  HB3  . ORN A 1 9  ? -8.427  -5.714  -2.118  1.00 26.03  ? 9   ORN A HB3  1 
HETATM 158 H  HG2  . ORN A 1 9  ? -9.945  -6.346  -4.070  1.00 27.35  ? 9   ORN A HG2  1 
HETATM 159 H  HG3  . ORN A 1 9  ? -10.245 -7.879  -3.214  1.00 27.35  ? 9   ORN A HG3  1 
HETATM 160 H  HD2  . ORN A 1 9  ? -8.459  -8.229  -4.821  1.00 25.74  ? 9   ORN A HD2  1 
HETATM 161 H  HD3  . ORN A 1 9  ? -7.730  -8.253  -3.176  1.00 25.74  ? 9   ORN A HD3  1 
HETATM 162 H  HE1  . ORN A 1 9  ? -7.450  -6.199  -5.269  1.00 21.60  ? 9   ORN A HE1  1 
ATOM   163 N  N    . ALA A 1 10 ? -7.455  -5.757  0.101   1.00 12.69  ? 10  ALA A N    1 
ATOM   164 C  CA   . ALA A 1 10 ? -6.857  -5.031  1.208   1.00 12.00  ? 10  ALA A CA   1 
ATOM   165 C  C    . ALA A 1 10 ? -6.335  -3.662  0.797   1.00 12.98  ? 10  ALA A C    1 
ATOM   166 O  O    . ALA A 1 10 ? -5.890  -3.466  -0.333  1.00 11.07  ? 10  ALA A O    1 
ATOM   167 C  CB   . ALA A 1 10 ? -5.731  -5.851  1.818   1.00 12.31  ? 10  ALA A CB   1 
ATOM   168 H  H    . ALA A 1 10 ? -6.979  -5.754  -0.616  1.00 15.23  ? 10  ALA A H    1 
ATOM   169 H  HA   . ALA A 1 10 ? -7.530  -4.897  1.893   1.00 14.40  ? 10  ALA A HA   1 
ATOM   170 H  HB1  . ALA A 1 10 ? -5.342  -5.355  2.555   1.00 14.78  ? 10  ALA A HB1  1 
ATOM   171 H  HB2  . ALA A 1 10 ? -6.091  -6.693  2.139   1.00 14.78  ? 10  ALA A HB2  1 
ATOM   172 H  HB3  . ALA A 1 10 ? -5.057  -6.017  1.140   1.00 14.78  ? 10  ALA A HB3  1 
ATOM   173 N  N    . ILE A 1 11 ? -6.413  -2.723  1.730   1.00 11.37  ? 11  ILE A N    1 
ATOM   174 C  CA   . ILE A 1 11 ? -5.721  -1.448  1.625   1.00 15.50  ? 11  ILE A CA   1 
ATOM   175 C  C    . ILE A 1 11 ? -4.342  -1.656  2.232   1.00 11.77  ? 11  ILE A C    1 
ATOM   176 O  O    . ILE A 1 11 ? -4.215  -1.898  3.428   1.00 13.73  ? 11  ILE A O    1 
ATOM   177 C  CB   . ILE A 1 11 ? -6.471  -0.319  2.352   1.00 12.99  ? 11  ILE A CB   1 
ATOM   178 C  CG1  . ILE A 1 11 ? -7.835  -0.088  1.696   1.00 14.00  ? 11  ILE A CG1  1 
ATOM   179 C  CG2  . ILE A 1 11 ? -5.647  0.974   2.349   1.00 13.45  ? 11  ILE A CG2  1 
ATOM   180 C  CD1  . ILE A 1 11 ? -8.779  0.766   2.516   1.00 11.59  ? 11  ILE A CD1  1 
ATOM   181 H  H    . ILE A 1 11 ? -6.876  -2.803  2.451   1.00 13.65  ? 11  ILE A H    1 
ATOM   182 H  HA   . ILE A 1 11 ? -5.618  -1.206  0.692   1.00 18.60  ? 11  ILE A HA   1 
ATOM   183 H  HB   . ILE A 1 11 ? -6.615  -0.588  3.273   1.00 15.59  ? 11  ILE A HB   1 
ATOM   184 H  HG12 . ILE A 1 11 ? -7.700  0.356   0.844   1.00 16.80  ? 11  ILE A HG12 1 
ATOM   185 H  HG13 . ILE A 1 11 ? -8.263  -0.947  1.554   1.00 16.80  ? 11  ILE A HG13 1 
ATOM   186 H  HG21 . ILE A 1 11 ? -6.145  1.666   2.813   1.00 16.14  ? 11  ILE A HG21 1 
ATOM   187 H  HG22 . ILE A 1 11 ? -4.805  0.812   2.802   1.00 16.14  ? 11  ILE A HG22 1 
ATOM   188 H  HG23 . ILE A 1 11 ? -5.485  1.242   1.431   1.00 16.14  ? 11  ILE A HG23 1 
ATOM   189 H  HD11 . ILE A 1 11 ? -9.615  0.864   2.034   1.00 13.91  ? 11  ILE A HD11 1 
ATOM   190 H  HD12 . ILE A 1 11 ? -8.938  0.331   3.368   1.00 13.91  ? 11  ILE A HD12 1 
ATOM   191 H  HD13 . ILE A 1 11 ? -8.375  1.637   2.658   1.00 13.91  ? 11  ILE A HD13 1 
ATOM   192 N  N    . ILE A 1 12 ? -3.317  -1.565  1.396   1.00 12.00  ? 12  ILE A N    1 
ATOM   193 C  CA   . ILE A 1 12 ? -1.980  -2.006  1.762   1.00 10.81  ? 12  ILE A CA   1 
ATOM   194 C  C    . ILE A 1 12 ? -1.026  -0.832  1.996   1.00 15.27  ? 12  ILE A C    1 
ATOM   195 O  O    . ILE A 1 12 ? -0.923  0.022   1.126   1.00 12.34  ? 12  ILE A O    1 
ATOM   196 C  CB   . ILE A 1 12 ? -1.407  -2.912  0.657   1.00 10.77  ? 12  ILE A CB   1 
ATOM   197 C  CG1  . ILE A 1 12 ? -2.290  -4.152  0.482   1.00 11.07  ? 12  ILE A CG1  1 
ATOM   198 C  CG2  . ILE A 1 12 ? 0.018   -3.314  0.982   1.00 11.23  ? 12  ILE A CG2  1 
ATOM   199 C  CD1  . ILE A 1 12 ? -2.133  -4.845  -0.853  1.00 11.40  ? 12  ILE A CD1  1 
ATOM   200 H  H    . ILE A 1 12 ? -3.371  -1.245  0.599   1.00 14.40  ? 12  ILE A H    1 
ATOM   201 H  HA   . ILE A 1 12 ? -2.030  -2.523  2.580   1.00 12.97  ? 12  ILE A HA   1 
ATOM   202 H  HB   . ILE A 1 12 ? -1.403  -2.417  -0.176  1.00 12.93  ? 12  ILE A HB   1 
ATOM   203 H  HG12 . ILE A 1 12 ? -2.067  -4.793  1.175   1.00 13.29  ? 12  ILE A HG12 1 
ATOM   204 H  HG13 . ILE A 1 12 ? -3.219  -3.887  0.568   1.00 13.29  ? 12  ILE A HG13 1 
ATOM   205 H  HG21 . ILE A 1 12 ? 0.355   -3.882  0.272   1.00 13.47  ? 12  ILE A HG21 1 
ATOM   206 H  HG22 . ILE A 1 12 ? 0.563   -2.513  1.052   1.00 13.47  ? 12  ILE A HG22 1 
ATOM   207 H  HG23 . ILE A 1 12 ? 0.026   -3.794  1.825   1.00 13.47  ? 12  ILE A HG23 1 
ATOM   208 H  HD11 . ILE A 1 12 ? -2.723  -5.614  -0.881  1.00 13.68  ? 12  ILE A HD11 1 
ATOM   209 H  HD12 . ILE A 1 12 ? -2.365  -4.223  -1.560  1.00 13.68  ? 12  ILE A HD12 1 
ATOM   210 H  HD13 . ILE A 1 12 ? -1.211  -5.132  -0.953  1.00 13.68  ? 12  ILE A HD13 1 
HETATM 211 N  N    . SAR A 1 13 ? -0.331  -0.781  3.144   1.00 14.75  ? 13  SAR A N    1 
HETATM 212 C  CA   . SAR A 1 13 ? 0.674   0.238   3.405   1.00 12.51  ? 13  SAR A CA   1 
HETATM 213 C  C    . SAR A 1 13 ? 1.928   -0.226  3.161   1.00 13.90  ? 13  SAR A C    1 
HETATM 214 O  O    . SAR A 1 13 ? 2.526   -0.823  4.014   1.00 13.64  ? 13  SAR A O    1 
HETATM 215 C  CN   . SAR A 1 13 ? -0.533  -1.550  4.361   1.00 15.87  ? 13  SAR A CN   1 
HETATM 216 H  HA2  . SAR A 1 13 ? 0.608   0.788   4.198   1.00 15.01  ? 13  SAR A HA2  1 
HETATM 217 H  HA3  . SAR A 1 13 ? 0.461   0.801   2.621   1.00 15.01  ? 13  SAR A HA3  1 
HETATM 218 H  HN1  . SAR A 1 13 ? 0.332   -1.900  4.675   1.00 19.04  ? 13  SAR A HN1  1 
HETATM 219 H  HN2  . SAR A 1 13 ? -1.143  -2.300  4.179   1.00 19.04  ? 13  SAR A HN2  1 
HETATM 220 H  HN3  . SAR A 1 13 ? -0.921  -0.975  5.050   1.00 19.04  ? 13  SAR A HN3  1 
ATOM   221 N  N    . LEU A 1 14 ? 2.443   0.029   1.963   1.00 14.14  ? 14  LEU A N    1 
ATOM   222 C  CA   . LEU A 1 14 ? 3.742   -0.494  1.548   1.00 12.77  ? 14  LEU A CA   1 
ATOM   223 C  C    . LEU A 1 14 ? 4.862   0.512   1.771   1.00 13.79  ? 14  LEU A C    1 
ATOM   224 O  O    . LEU A 1 14 ? 4.692   1.698   1.504   1.00 20.45  ? 14  LEU A O    1 
ATOM   225 C  CB   . LEU A 1 14 ? 3.698   -0.886  0.072   1.00 12.10  ? 14  LEU A CB   1 
ATOM   226 C  CG   . LEU A 1 14 ? 4.988   -1.410  -0.558  1.00 12.62  ? 14  LEU A CG   1 
ATOM   227 C  CD1  . LEU A 1 14 ? 5.269   -2.833  -0.119  1.00 13.04  ? 14  LEU A CD1  1 
ATOM   228 C  CD2  . LEU A 1 14 ? 4.893   -1.314  -2.069  1.00 12.65  ? 14  LEU A CD2  1 
ATOM   229 H  H    . LEU A 1 14 ? 2.054   0.508   1.363   1.00 16.97  ? 14  LEU A H    1 
ATOM   230 H  HA   . LEU A 1 14 ? 3.944   -1.289  2.066   1.00 15.32  ? 14  LEU A HA   1 
ATOM   231 H  HB2  . LEU A 1 14 ? 3.028   -1.581  -0.033  1.00 14.52  ? 14  LEU A HB2  1 
ATOM   232 H  HB3  . LEU A 1 14 ? 3.429   -0.106  -0.437  1.00 14.52  ? 14  LEU A HB3  1 
ATOM   233 H  HG   . LEU A 1 14 ? 5.729   -0.855  -0.268  1.00 15.14  ? 14  LEU A HG   1 
ATOM   234 H  HD11 . LEU A 1 14 ? 6.092   -3.135  -0.535  1.00 15.64  ? 14  LEU A HD11 1 
ATOM   235 H  HD12 . LEU A 1 14 ? 5.360   -2.853  0.846   1.00 15.64  ? 14  LEU A HD12 1 
ATOM   236 H  HD13 . LEU A 1 14 ? 4.531   -3.400  -0.395  1.00 15.64  ? 14  LEU A HD13 1 
ATOM   237 H  HD21 . LEU A 1 14 ? 5.716   -1.647  -2.459  1.00 15.18  ? 14  LEU A HD21 1 
ATOM   238 H  HD22 . LEU A 1 14 ? 4.142   -1.847  -2.372  1.00 15.18  ? 14  LEU A HD22 1 
ATOM   239 H  HD23 . LEU A 1 14 ? 4.761   -0.384  -2.317  1.00 15.18  ? 14  LEU A HD23 1 
ATOM   240 N  N    . MET A 1 15 ? 6.008   0.034   2.244   1.00 14.78  ? 15  MET A N    1 
ATOM   241 C  CA   . MET A 1 15 ? 7.189   0.878   2.387   1.00 16.09  ? 15  MET A CA   1 
ATOM   242 C  C    . MET A 1 15 ? 8.077   0.764   1.151   1.00 19.76  ? 15  MET A C    1 
ATOM   243 O  O    . MET A 1 15 ? 8.611   -0.306  0.846   1.00 15.97  ? 15  MET A O    1 
ATOM   244 C  CB   . MET A 1 15 ? 7.980   0.505   3.641   1.00 17.73  ? 15  MET A CB   1 
ATOM   245 C  CG   . MET A 1 15 ? 7.307   0.916   4.945   1.00 20.09  ? 15  MET A CG   1 
ATOM   246 S  SD   . MET A 1 15 ? 7.007   2.690   5.088   1.00 21.97  ? 15  MET A SD   1 
ATOM   247 C  CE   . MET A 1 15 ? 8.681   3.322   5.125   1.00 35.09  ? 15  MET A CE   1 
ATOM   248 H  H    . MET A 1 15 ? 6.128   -0.781  2.490   1.00 17.73  ? 15  MET A H    1 
ATOM   249 H  HA   . MET A 1 15 ? 6.903   1.800   2.481   1.00 19.31  ? 15  MET A HA   1 
ATOM   250 H  HB2  . MET A 1 15 ? 8.098   -0.458  3.660   1.00 21.27  ? 15  MET A HB2  1 
ATOM   251 H  HB3  . MET A 1 15 ? 8.846   0.941   3.605   1.00 21.27  ? 15  MET A HB3  1 
ATOM   252 H  HG2  . MET A 1 15 ? 6.450   0.465   5.010   1.00 24.11  ? 15  MET A HG2  1 
ATOM   253 H  HG3  . MET A 1 15 ? 7.874   0.651   5.686   1.00 24.11  ? 15  MET A HG3  1 
ATOM   254 H  HE1  . MET A 1 15 ? 8.650   4.288   5.203   1.00 42.11  ? 15  MET A HE1  1 
ATOM   255 H  HE2  . MET A 1 15 ? 9.144   2.943   5.888   1.00 42.11  ? 15  MET A HE2  1 
ATOM   256 H  HE3  . MET A 1 15 ? 9.131   3.069   4.305   1.00 42.11  ? 15  MET A HE3  1 
ATOM   257 N  N    . VAL A 1 16 ? 8.216   1.879   0.444   1.00 16.46  ? 16  VAL A N    1 
ATOM   258 C  CA   . VAL A 1 16 ? 9.027   1.944   -0.760  1.00 16.27  ? 16  VAL A CA   1 
ATOM   259 C  C    . VAL A 1 16 ? 10.292  2.727   -0.456  1.00 18.87  ? 16  VAL A C    1 
ATOM   260 O  O    . VAL A 1 16 ? 10.291  3.959   -0.478  1.00 21.41  ? 16  VAL A O    1 
ATOM   261 C  CB   . VAL A 1 16 ? 8.255   2.599   -1.922  1.00 16.53  ? 16  VAL A CB   1 
ATOM   262 C  CG1  . VAL A 1 16 ? 9.118   2.686   -3.169  1.00 16.39  ? 16  VAL A CG1  1 
ATOM   263 C  CG2  . VAL A 1 16 ? 6.981   1.819   -2.205  1.00 14.94  ? 16  VAL A CG2  1 
ATOM   264 H  H    . VAL A 1 16 ? 7.844   2.626   0.649   1.00 19.76  ? 16  VAL A H    1 
ATOM   265 H  HA   . VAL A 1 16 ? 9.279   1.046   -1.029  1.00 19.52  ? 16  VAL A HA   1 
ATOM   266 H  HB   . VAL A 1 16 ? 8.005   3.502   -1.666  1.00 19.84  ? 16  VAL A HB   1 
ATOM   267 H  HG11 . VAL A 1 16 ? 8.606   3.102   -3.880  1.00 19.66  ? 16  VAL A HG11 1 
ATOM   268 H  HG12 . VAL A 1 16 ? 9.904   3.218   -2.972  1.00 19.66  ? 16  VAL A HG12 1 
ATOM   269 H  HG13 . VAL A 1 16 ? 9.383   1.790   -3.432  1.00 19.66  ? 16  VAL A HG13 1 
ATOM   270 H  HG21 . VAL A 1 16 ? 6.507   2.244   -2.937  1.00 17.92  ? 16  VAL A HG21 1 
ATOM   271 H  HG22 . VAL A 1 16 ? 7.216   0.909   -2.446  1.00 17.92  ? 16  VAL A HG22 1 
ATOM   272 H  HG23 . VAL A 1 16 ? 6.428   1.818   -1.409  1.00 17.92  ? 16  VAL A HG23 1 
HETATM 273 C  CAC  . FLC B 2 .  ? -9.264  -4.184  -7.518  1.00 95.19  ? 101 FLC A CAC  1 
HETATM 274 C  CA   . FLC B 2 .  ? -10.720 -4.583  -7.637  1.00 84.84  ? 101 FLC A CA   1 
HETATM 275 C  CB   . FLC B 2 .  ? -10.875 -5.966  -8.242  1.00 77.45  ? 101 FLC A CB   1 
HETATM 276 C  CBC  . FLC B 2 .  ? -10.176 -6.026  -9.591  1.00 81.65  ? 101 FLC A CBC  1 
HETATM 277 C  CG   . FLC B 2 .  ? -10.367 -7.036  -7.291  1.00 79.01  ? 101 FLC A CG   1 
HETATM 278 C  CGC  . FLC B 2 .  ? -11.458 -7.423  -6.311  1.00 81.76  ? 101 FLC A CGC  1 
HETATM 279 O  OA1  . FLC B 2 .  ? -8.627  -4.441  -6.466  1.00 103.00 ? 101 FLC A OA1  1 
HETATM 280 O  OA2  . FLC B 2 .  ? -8.685  -3.583  -8.460  1.00 96.79  ? 101 FLC A OA2  1 
HETATM 281 O  OB1  . FLC B 2 .  ? -10.119 -4.997  -10.316 1.00 82.23  ? 101 FLC A OB1  1 
HETATM 282 O  OB2  . FLC B 2 .  ? -9.656  -7.093  -10.012 1.00 84.54  ? 101 FLC A OB2  1 
HETATM 283 O  OG1  . FLC B 2 .  ? -11.423 -8.546  -5.741  1.00 86.61  ? 101 FLC A OG1  1 
HETATM 284 O  OG2  . FLC B 2 .  ? -12.404 -6.629  -6.060  1.00 79.12  ? 101 FLC A OG2  1 
HETATM 285 O  OHB  . FLC B 2 .  ? -12.248 -6.197  -8.453  1.00 66.09  ? 101 FLC A OHB  1 
HETATM 286 H  HA1  . FLC B 2 .  ? -11.126 -4.576  -6.750  1.00 101.80 ? 101 FLC A HA1  1 
HETATM 287 H  HA2  . FLC B 2 .  ? -11.183 -3.935  -8.203  1.00 101.80 ? 101 FLC A HA2  1 
HETATM 288 H  HG1  . FLC B 2 .  ? -9.597  -6.693  -6.798  1.00 94.81  ? 101 FLC A HG1  1 
HETATM 289 H  HG2  . FLC B 2 .  ? -10.098 -7.823  -7.802  1.00 94.81  ? 101 FLC A HG2  1 
HETATM 290 H  HOB  . FLC B 2 .  ? -12.510 -5.773  -9.188  1.00 79.31  ? 101 FLC A HOB  1 
HETATM 291 NA NA   . NA  C 3 .  ? -10.295 -5.721  -12.631 0.50 74.37  ? 102 NA  A NA   1 
HETATM 292 NA NA   . NA  D 3 .  ? -6.521  -6.260  -7.876  1.00 78.13  ? 103 NA  A NA   1 
HETATM 293 O  O    . HOH E 4 .  ? 4.003   7.550   -0.836  1.00 19.19  ? 201 HOH A O    1 
HETATM 294 O  O    . HOH E 4 .  ? -10.646 -9.894  -2.023  1.00 24.15  ? 202 HOH A O    1 
HETATM 295 O  O    . HOH E 4 .  ? 9.332   7.589   5.745   1.00 27.35  ? 203 HOH A O    1 
HETATM 296 O  O    . HOH E 4 .  ? 4.654   -1.272  5.537   1.00 14.35  ? 204 HOH A O    1 
HETATM 297 O  O    . HOH E 4 .  ? -4.522  0.867   -5.591  1.00 26.70  ? 205 HOH A O    1 
HETATM 298 O  O    . HOH E 4 .  ? 11.275  6.361   -1.455  0.50 26.91  ? 206 HOH A O    1 
HETATM 299 O  O    . HOH E 4 .  ? -10.110 -10.224 1.589   1.00 26.69  ? 207 HOH A O    1 
HETATM 300 O  O    . HOH E 4 .  ? 6.036   7.507   5.153   1.00 35.42  ? 208 HOH A O    1 
HETATM 301 O  O    . HOH E 4 .  ? 8.114   12.841  -0.871  1.00 28.56  ? 209 HOH A O    1 
# 
loop_
_atom_site_anisotrop.id 
_atom_site_anisotrop.type_symbol 
_atom_site_anisotrop.pdbx_label_atom_id 
_atom_site_anisotrop.pdbx_label_alt_id 
_atom_site_anisotrop.pdbx_label_comp_id 
_atom_site_anisotrop.pdbx_label_asym_id 
_atom_site_anisotrop.pdbx_label_seq_id 
_atom_site_anisotrop.pdbx_PDB_ins_code 
_atom_site_anisotrop.U[1][1] 
_atom_site_anisotrop.U[2][2] 
_atom_site_anisotrop.U[3][3] 
_atom_site_anisotrop.U[1][2] 
_atom_site_anisotrop.U[1][3] 
_atom_site_anisotrop.U[2][3] 
_atom_site_anisotrop.pdbx_auth_seq_id 
_atom_site_anisotrop.pdbx_auth_comp_id 
_atom_site_anisotrop.pdbx_auth_asym_id 
_atom_site_anisotrop.pdbx_auth_atom_id 
1   N N   . ORN A 1  ? 0.2864 0.4371 0.4312 -0.0747 -0.1462 0.0231  1  ORN A N   
2   C CA  . ORN A 1  ? 0.2410 0.3584 0.3734 -0.0605 -0.1242 0.0277  1  ORN A CA  
3   C CB  . ORN A 1  ? 0.2074 0.3346 0.3209 -0.0407 -0.1111 0.0438  1  ORN A CB  
4   C CG  . ORN A 1  ? 0.1904 0.3453 0.3337 -0.0347 -0.1042 0.0711  1  ORN A CG  
5   C CD  . ORN A 1  ? 0.1675 0.3068 0.3219 -0.0265 -0.0840 0.0822  1  ORN A CD  
6   N NE  . ORN A 1  ? 0.2177 0.3325 0.3419 -0.0147 -0.0693 0.0737  1  ORN A NE  
7   C C   . ORN A 1  ? 0.3393 0.4198 0.4449 -0.0626 -0.1221 0.0025  1  ORN A C   
8   O O   . ORN A 1  ? 0.3944 0.4716 0.4874 -0.0733 -0.1356 -0.0203 1  ORN A O   
20  N N   . GLN A 2  ? 0.3636 0.4180 0.4605 -0.0514 -0.1041 0.0069  2  GLN A N   
21  C CA  . GLN A 2  ? 0.3941 0.4150 0.4709 -0.0504 -0.0984 -0.0107 2  GLN A CA  
22  C C   . GLN A 2  ? 0.3378 0.3498 0.3860 -0.0334 -0.0847 -0.0064 2  GLN A C   
23  O O   . GLN A 2  ? 0.3014 0.3243 0.3533 -0.0243 -0.0752 0.0096  2  GLN A O   
24  C CB  . GLN A 2  ? 0.4189 0.4198 0.5264 -0.0571 -0.0906 -0.0081 2  GLN A CB  
25  C CG  . GLN A 2  ? 0.4352 0.4106 0.5305 -0.0468 -0.0747 -0.0075 2  GLN A CG  
26  C CD  . GLN A 2  ? 0.4658 0.4252 0.5964 -0.0522 -0.0658 -0.0008 2  GLN A CD  
27  O OE1 . GLN A 2  ? 0.4437 0.4082 0.6105 -0.0646 -0.0707 0.0024  2  GLN A OE1 
28  N NE2 . GLN A 2  ? 0.4520 0.3949 0.5773 -0.0426 -0.0516 0.0041  2  GLN A NE2 
37  N N   . LYS A 3  ? 0.3329 0.3249 0.3541 -0.0298 -0.0830 -0.0219 3  LYS A N   
38  C CA  . LYS A 3  ? 0.2958 0.2801 0.2943 -0.0153 -0.0707 -0.0182 3  LYS A CA  
39  C C   . LYS A 3  ? 0.2671 0.2375 0.2753 -0.0114 -0.0575 -0.0110 3  LYS A C   
40  O O   . LYS A 3  ? 0.2754 0.2293 0.2960 -0.0164 -0.0551 -0.0144 3  LYS A O   
41  C CB  . LYS A 3  ? 0.3267 0.2982 0.2943 -0.0110 -0.0720 -0.0343 3  LYS A CB  
42  C CG  . LYS A 3  ? 0.2526 0.2153 0.2033 0.0030  -0.0584 -0.0290 3  LYS A CG  
43  C CD  . LYS A 3  ? 0.2800 0.2480 0.2027 0.0120  -0.0592 -0.0339 3  LYS A CD  
44  C CE  . LYS A 3  ? 0.2836 0.2302 0.1850 0.0120  -0.0589 -0.0524 3  LYS A CE  
45  N NZ  . LYS A 3  ? 0.3209 0.2818 0.1927 0.0190  -0.0638 -0.0587 3  LYS A NZ  
59  N N   . LEU A 4  ? 0.1855 0.1651 0.1901 -0.0025 -0.0483 -0.0008 4  LEU A N   
60  C CA  . LEU A 4  ? 0.1739 0.1503 0.1822 0.0020  -0.0374 0.0055  4  LEU A CA  
61  C C   . LEU A 4  ? 0.1683 0.1411 0.1578 0.0106  -0.0301 0.0019  4  LEU A C   
62  O O   . LEU A 4  ? 0.1622 0.1430 0.1462 0.0147  -0.0278 0.0025  4  LEU A O   
63  C CB  . LEU A 4  ? 0.2351 0.2318 0.2602 0.0022  -0.0331 0.0186  4  LEU A CB  
64  C CG  . LEU A 4  ? 0.1605 0.1645 0.1869 0.0067  -0.0237 0.0254  4  LEU A CG  
65  C CD1 . LEU A 4  ? 0.1842 0.1830 0.2282 0.0044  -0.0222 0.0340  4  LEU A CD1 
66  C CD2 . LEU A 4  ? 0.1651 0.1916 0.1960 0.0095  -0.0179 0.0326  4  LEU A CD2 
78  N N   . VAL A 5  ? 0.1804 0.1419 0.1654 0.0134  -0.0248 0.0004  5  VAL A N   
79  C CA  . VAL A 5  ? 0.1984 0.1574 0.1708 0.0204  -0.0181 -0.0019 5  VAL A CA  
80  C C   . VAL A 5  ? 0.1897 0.1647 0.1695 0.0214  -0.0119 0.0040  5  VAL A C   
81  O O   . VAL A 5  ? 0.1521 0.1360 0.1423 0.0201  -0.0109 0.0121  5  VAL A O   
82  C CB  . VAL A 5  ? 0.1980 0.1368 0.1601 0.0243  -0.0155 -0.0069 5  VAL A CB  
83  C CG1 . VAL A 5  ? 0.1801 0.1187 0.1337 0.0320  -0.0078 -0.0063 5  VAL A CG1 
84  C CG2 . VAL A 5  ? 0.2049 0.1315 0.1547 0.0223  -0.0225 -0.0179 5  VAL A CG2 
94  N N   . PHI A 6  ? 0.1782 0.1599 0.1545 0.0234  -0.0073 0.0001  6  PHI A N   
95  C CA  . PHI A 6  ? 0.1469 0.1473 0.1281 0.0220  -0.0032 0.0000  6  PHI A CA  
96  C CB  . PHI A 6  ? 0.1346 0.1537 0.1209 0.0185  -0.0025 -0.0006 6  PHI A CB  
97  C CG  . PHI A 6  ? 0.1348 0.1492 0.1229 0.0187  0.0022  -0.0076 6  PHI A CG  
98  C CD1 . PHI A 6  ? 0.1362 0.1583 0.1280 0.0165  0.0105  -0.0192 6  PHI A CD1 
99  C CD2 . PHI A 6  ? 0.1372 0.1423 0.1271 0.0205  -0.0005 -0.0028 6  PHI A CD2 
100 C CE1 . PHI A 6  ? 0.1398 0.1544 0.1394 0.0180  0.0191  -0.0237 6  PHI A CE1 
101 C CE2 . PHI A 6  ? 0.1377 0.1423 0.1340 0.0231  0.0062  -0.0037 6  PHI A CE2 
102 C CZ  . PHI A 6  ? 0.1522 0.1589 0.1551 0.0228  0.0181  -0.0134 6  PHI A CZ  
103 I I   . PHI A 6  ? 0.1467 0.1468 0.1700 0.0294  0.0361  -0.0115 6  PHI A I   
104 C C   . PHI A 6  ? 0.1386 0.1371 0.1197 0.0233  0.0024  -0.0066 6  PHI A C   
105 O O   . PHI A 6  ? 0.1625 0.1455 0.1406 0.0275  0.0055  -0.0083 6  PHI A O   
114 N N   . PHE A 7  ? 0.2288 0.2465 0.2153 0.0199  0.0039  -0.0090 7  PHE A N   
115 C CA  . PHE A 7  ? 0.3355 0.3549 0.3292 0.0182  0.0090  -0.0160 7  PHE A CA  
116 C C   . PHE A 7  ? 0.3751 0.4074 0.3764 0.0105  0.0128  -0.0310 7  PHE A C   
117 O O   . PHE A 7  ? 0.4971 0.5516 0.4948 0.0059  0.0098  -0.0355 7  PHE A O   
118 C CB  . PHE A 7  ? 0.2153 0.2506 0.2134 0.0185  0.0071  -0.0088 7  PHE A CB  
119 C CG  . PHE A 7  ? 0.1668 0.2089 0.1783 0.0149  0.0111  -0.0146 7  PHE A CG  
120 C CD1 . PHE A 7  ? 0.1498 0.1694 0.1664 0.0207  0.0185  -0.0123 7  PHE A CD1 
121 C CD2 . PHE A 7  ? 0.1361 0.2109 0.1568 0.0057  0.0075  -0.0216 7  PHE A CD2 
122 C CE1 . PHE A 7  ? 0.1705 0.1964 0.2063 0.0172  0.0237  -0.0151 7  PHE A CE1 
123 C CE2 . PHE A 7  ? 0.1565 0.2392 0.1956 -0.0004 0.0103  -0.0283 7  PHE A CE2 
124 C CZ  . PHE A 7  ? 0.1525 0.2087 0.2020 0.0054  0.0193  -0.0241 7  PHE A CZ  
134 N N   . ALA A 8  ? 0.2596 0.2781 0.2728 0.0100  0.0215  -0.0384 8  ALA A N   
135 C CA  . ALA A 8  ? 0.1885 0.2119 0.2140 0.0022  0.0291  -0.0562 8  ALA A CA  
136 C C   . ALA A 8  ? 0.1714 0.1836 0.2206 -0.0004 0.0395  -0.0626 8  ALA A C   
137 O O   . ALA A 8  ? 0.2391 0.2303 0.2969 0.0081  0.0482  -0.0525 8  ALA A O   
138 C CB  . ALA A 8  ? 0.1575 0.1700 0.1816 0.0060  0.0350  -0.0563 8  ALA A CB  
163 N N   . ALA A 10 ? 0.1521 0.1249 0.2053 0.0287  0.0507  -0.0195 10 ALA A N   
164 C CA  . ALA A 10 ? 0.1541 0.1169 0.1850 0.0412  0.0477  -0.0061 10 ALA A CA  
165 C C   . ALA A 10 ? 0.1731 0.1399 0.1802 0.0391  0.0339  -0.0075 10 ALA A C   
166 O O   . ALA A 10 ? 0.1454 0.1230 0.1523 0.0306  0.0281  -0.0153 10 ALA A O   
167 C CB  . ALA A 10 ? 0.1586 0.1150 0.1942 0.0477  0.0551  -0.0002 10 ALA A CB  
173 N N   . ILE A 11 ? 0.1618 0.1198 0.1505 0.0473  0.0306  -0.0002 11 ILE A N   
174 C CA  . ILE A 11 ? 0.2207 0.1763 0.1919 0.0459  0.0201  -0.0014 11 ILE A CA  
175 C C   . ILE A 11 ? 0.1770 0.1303 0.1400 0.0479  0.0164  -0.0008 11 ILE A C   
176 O O   . ILE A 11 ? 0.2061 0.1558 0.1597 0.0565  0.0190  0.0040  11 ILE A O   
177 C CB  . ILE A 11 ? 0.1974 0.1414 0.1549 0.0526  0.0203  0.0021  11 ILE A CB  
178 C CG1 . ILE A 11 ? 0.2033 0.1552 0.1736 0.0517  0.0245  0.0064  11 ILE A CG1 
179 C CG2 . ILE A 11 ? 0.2096 0.1462 0.1550 0.0498  0.0118  -0.0017 11 ILE A CG2 
180 C CD1 . ILE A 11 ? 0.1797 0.1189 0.1419 0.0617  0.0307  0.0127  11 ILE A CD1 
192 N N   . ILE A 12 ? 0.1760 0.1369 0.1432 0.0408  0.0107  -0.0037 12 ILE A N   
193 C CA  . ILE A 12 ? 0.1590 0.1246 0.1269 0.0420  0.0084  -0.0004 12 ILE A CA  
194 C C   . ILE A 12 ? 0.2188 0.1850 0.1764 0.0382  -0.0043 -0.0012 12 ILE A C   
195 O O   . ILE A 12 ? 0.1804 0.1469 0.1415 0.0316  -0.0087 -0.0035 12 ILE A O   
196 C CB  . ILE A 12 ? 0.1500 0.1242 0.1352 0.0374  0.0142  -0.0024 12 ILE A CB  
197 C CG1 . ILE A 12 ? 0.1495 0.1208 0.1504 0.0385  0.0277  -0.0060 12 ILE A CG1 
198 C CG2 . ILE A 12 ? 0.1516 0.1329 0.1420 0.0400  0.0134  0.0052  12 ILE A CG2 
199 C CD1 . ILE A 12 ? 0.1470 0.1247 0.1612 0.0309  0.0338  -0.0169 12 ILE A CD1 
211 N N   . SAR A 13 ? 0.2144 0.1839 0.1620 0.0419  -0.0099 0.0012  13 SAR A N   
212 C CA  . SAR A 13 ? 0.1866 0.1595 0.1292 0.0350  -0.0232 -0.0027 13 SAR A CA  
213 C C   . SAR A 13 ? 0.1944 0.1837 0.1499 0.0325  -0.0268 0.0046  13 SAR A C   
214 O O   . SAR A 13 ? 0.1872 0.1909 0.1403 0.0377  -0.0286 0.0118  13 SAR A O   
215 C CN  . SAR A 13 ? 0.2299 0.2036 0.1694 0.0526  -0.0047 0.0079  13 SAR A CN  
221 N N   . LEU A 14 ? 0.1914 0.1836 0.1626 0.0258  -0.0270 0.0061  14 LEU A N   
222 C CA  . LEU A 14 ? 0.1625 0.1720 0.1506 0.0245  -0.0275 0.0158  14 LEU A CA  
223 C C   . LEU A 14 ? 0.1699 0.1891 0.1650 0.0156  -0.0421 0.0166  14 LEU A C   
224 O O   . LEU A 14 ? 0.2573 0.2661 0.2537 0.0078  -0.0477 0.0094  14 LEU A O   
225 C CB  . LEU A 14 ? 0.1495 0.1601 0.1501 0.0237  -0.0172 0.0171  14 LEU A CB  
226 C CG  . LEU A 14 ? 0.1446 0.1710 0.1636 0.0243  -0.0134 0.0273  14 LEU A CG  
227 C CD1 . LEU A 14 ? 0.1460 0.1767 0.1728 0.0333  -0.0017 0.0344  14 LEU A CD1 
228 C CD2 . LEU A 14 ? 0.1424 0.1717 0.1666 0.0222  -0.0060 0.0251  14 LEU A CD2 
240 N N   . MET A 15 ? 0.1720 0.2127 0.1768 0.0164  -0.0470 0.0267  15 MET A N   
241 C CA  . MET A 15 ? 0.1789 0.2348 0.1977 0.0057  -0.0616 0.0286  15 MET A CA  
242 C C   . MET A 15 ? 0.2132 0.2789 0.2586 0.0040  -0.0558 0.0414  15 MET A C   
243 O O   . MET A 15 ? 0.1572 0.2359 0.2136 0.0122  -0.0458 0.0548  15 MET A O   
244 C CB  . MET A 15 ? 0.1915 0.2748 0.2073 0.0071  -0.0727 0.0347  15 MET A CB  
245 C CG  . MET A 15 ? 0.2324 0.3122 0.2189 0.0071  -0.0818 0.0199  15 MET A CG  
246 S SD  . MET A 15 ? 0.2662 0.3229 0.2458 -0.0095 -0.0943 -0.0064 15 MET A SD  
247 C CE  . MET A 15 ? 0.4130 0.4986 0.4216 -0.0264 -0.1133 -0.0043 15 MET A CE  
257 N N   . VAL A 16 ? 0.1696 0.2285 0.2274 -0.0051 -0.0594 0.0387  16 VAL A N   
258 C CA  . VAL A 16 ? 0.1550 0.2253 0.2378 -0.0057 -0.0530 0.0527  16 VAL A CA  
259 C C   . VAL A 16 ? 0.1731 0.2609 0.2830 -0.0172 -0.0668 0.0593  16 VAL A C   
260 O O   . VAL A 16 ? 0.2045 0.2828 0.3263 -0.0284 -0.0741 0.0528  16 VAL A O   
261 C CB  . VAL A 16 ? 0.1629 0.2197 0.2455 -0.0054 -0.0442 0.0509  16 VAL A CB  
262 C CG1 . VAL A 16 ? 0.1476 0.2211 0.2538 -0.0037 -0.0363 0.0676  16 VAL A CG1 
263 C CG2 . VAL A 16 ? 0.1546 0.2000 0.2129 0.0034  -0.0333 0.0426  16 VAL A CG2 
# 
